data_5J87
#
_entry.id   5J87
#
_cell.length_a   41.761
_cell.length_b   93.550
_cell.length_c   145.889
_cell.angle_alpha   90.00
_cell.angle_beta   89.94
_cell.angle_gamma   90.00
#
_symmetry.space_group_name_H-M   'P 1 21 1'
#
loop_
_entity.id
_entity.type
_entity.pdbx_description
1 polymer 'Tyrosine-protein kinase BTK'
2 non-polymer N-[3-(5-{[3-(acryloylamino)-4-(morpholine-4-carbonyl)phenyl]amino}-1-methyl-6-oxo-1,6-dihydropyridin-3-yl)-2-methylphenyl]-4-tert-butylbenzamide
3 water water
#
_entity_poly.entity_id   1
_entity_poly.type   'polypeptide(L)'
_entity_poly.pdbx_seq_one_letter_code
;PSTAGLGYGSWEIDPKDLTFLKELGTGQFGVVKYGKWRGQYDVAIKMIKEGSMSEDEFIEEAKVMMNLSHEKLVQLYGVC
TKQRPIFIITEYMANGCLLNYLREMRHRFQTQQLLEMCKDVCEAMEYLESKQFLHRDLAARNCLVNDQGVVKVSDFGLSR
YVLDDEYTSSVGSKFPVRWSPPEVLMYSKFSSKSDIWAFGVLMWEIYSLGKMPYERFTNSETAEHIAQGLRLYRPHLASE
KVYTIMYSCWHEKADERPTFKILLSNILDVMDEE
;
_entity_poly.pdbx_strand_id   A,B,C,D
#
loop_
_chem_comp.id
_chem_comp.type
_chem_comp.name
_chem_comp.formula
N42 non-polymer N-[3-(5-{[3-(acryloylamino)-4-(morpholine-4-carbonyl)phenyl]amino}-1-methyl-6-oxo-1,6-dihydropyridin-3-yl)-2-methylphenyl]-4-tert-butylbenzamide 'C38 H41 N5 O5'
#
# COMPACT_ATOMS: atom_id res chain seq x y z
N GLU A 12 -21.96 17.35 -1.17
CA GLU A 12 -21.59 15.98 -1.12
C GLU A 12 -22.79 15.03 -1.13
N ILE A 13 -22.66 13.94 -1.84
CA ILE A 13 -23.68 12.92 -1.90
C ILE A 13 -23.09 11.69 -1.24
N ASP A 14 -23.88 11.01 -0.43
CA ASP A 14 -23.42 9.78 0.17
C ASP A 14 -23.69 8.67 -0.84
N PRO A 15 -22.66 8.06 -1.37
CA PRO A 15 -22.81 7.07 -2.43
C PRO A 15 -23.59 5.82 -1.99
N LYS A 16 -23.71 5.66 -0.66
CA LYS A 16 -24.56 4.67 -0.03
C LYS A 16 -26.02 4.89 -0.40
N ASP A 17 -26.35 6.12 -0.69
CA ASP A 17 -27.63 6.48 -1.21
C ASP A 17 -27.87 6.15 -2.71
N LEU A 18 -26.81 5.77 -3.43
CA LEU A 18 -26.88 5.59 -4.88
C LEU A 18 -26.90 4.12 -5.25
N THR A 19 -27.66 3.76 -6.26
CA THR A 19 -27.60 2.46 -6.86
C THR A 19 -27.00 2.59 -8.26
N PHE A 20 -26.29 1.57 -8.68
CA PHE A 20 -25.73 1.54 -10.01
C PHE A 20 -26.46 0.50 -10.85
N LEU A 21 -27.42 0.94 -11.64
CA LEU A 21 -28.40 0.04 -12.25
C LEU A 21 -28.20 -0.28 -13.74
N LYS A 22 -27.51 0.60 -14.44
CA LYS A 22 -27.29 0.44 -15.86
C LYS A 22 -26.06 1.20 -16.25
N GLU A 23 -25.35 0.69 -17.21
CA GLU A 23 -24.27 1.41 -17.84
C GLU A 23 -24.78 2.27 -19.00
N LEU A 24 -24.25 3.49 -19.09
CA LEU A 24 -24.58 4.44 -20.13
C LEU A 24 -23.47 4.83 -21.10
N GLY A 25 -22.43 4.00 -21.19
CA GLY A 25 -21.29 4.22 -22.03
C GLY A 25 -20.18 5.03 -21.38
N THR A 26 -19.31 5.59 -22.21
CA THR A 26 -18.07 6.21 -21.79
C THR A 26 -17.93 7.58 -22.42
N GLY A 27 -17.47 8.55 -21.65
CA GLY A 27 -17.20 9.90 -22.11
C GLY A 27 -15.73 10.28 -21.98
N GLN A 28 -15.47 11.58 -21.97
CA GLN A 28 -14.15 12.14 -21.80
C GLN A 28 -13.54 11.83 -20.43
N PHE A 29 -14.39 11.76 -19.41
CA PHE A 29 -13.93 11.41 -18.06
C PHE A 29 -14.12 9.94 -17.72
N GLY A 30 -14.52 9.13 -18.68
CA GLY A 30 -14.77 7.74 -18.38
C GLY A 30 -16.22 7.27 -18.37
N VAL A 31 -16.47 6.20 -17.62
CA VAL A 31 -17.75 5.57 -17.59
C VAL A 31 -18.87 6.39 -16.93
N VAL A 32 -20.05 6.29 -17.49
CA VAL A 32 -21.24 6.86 -16.92
C VAL A 32 -22.27 5.76 -16.79
N LYS A 33 -22.99 5.75 -15.68
CA LYS A 33 -23.94 4.74 -15.37
C LYS A 33 -25.25 5.33 -14.93
N TYR A 34 -26.29 4.57 -15.17
CA TYR A 34 -27.58 4.93 -14.69
C TYR A 34 -27.79 4.32 -13.36
N GLY A 35 -28.56 5.00 -12.53
CA GLY A 35 -28.79 4.58 -11.17
C GLY A 35 -29.94 5.32 -10.57
N LYS A 36 -30.26 5.03 -9.33
CA LYS A 36 -31.25 5.83 -8.60
C LYS A 36 -30.69 6.30 -7.26
N TRP A 37 -31.09 7.49 -6.86
CA TRP A 37 -30.66 8.13 -5.63
C TRP A 37 -31.76 8.13 -4.58
N ARG A 38 -31.48 7.49 -3.45
CA ARG A 38 -32.43 7.39 -2.36
C ARG A 38 -33.76 6.75 -2.75
N GLY A 39 -33.66 5.75 -3.61
CA GLY A 39 -34.76 4.92 -4.00
C GLY A 39 -35.61 5.59 -5.04
N GLN A 40 -35.54 6.92 -5.06
CA GLN A 40 -36.36 7.72 -5.90
C GLN A 40 -35.70 8.23 -7.17
N TYR A 41 -34.87 9.25 -7.07
CA TYR A 41 -34.46 9.97 -8.27
C TYR A 41 -33.76 9.10 -9.30
N ASP A 42 -34.12 9.32 -10.55
CA ASP A 42 -33.35 8.74 -11.61
C ASP A 42 -32.12 9.62 -11.78
N VAL A 43 -30.94 9.01 -11.84
CA VAL A 43 -29.70 9.75 -11.93
C VAL A 43 -28.70 9.10 -12.87
N ALA A 44 -27.85 9.93 -13.45
CA ALA A 44 -26.68 9.47 -14.20
C ALA A 44 -25.46 9.79 -13.36
N ILE A 45 -24.53 8.84 -13.30
CA ILE A 45 -23.36 9.01 -12.48
CA ILE A 45 -23.27 9.05 -12.49
C ILE A 45 -22.05 8.91 -13.26
N LYS A 46 -21.28 9.99 -13.22
CA LYS A 46 -19.98 10.04 -13.84
C LYS A 46 -19.03 9.44 -12.85
N MET A 47 -18.36 8.40 -13.24
CA MET A 47 -17.30 7.83 -12.43
C MET A 47 -16.01 8.34 -13.06
N ILE A 48 -15.35 9.26 -12.38
CA ILE A 48 -14.30 9.98 -13.00
C ILE A 48 -13.05 9.14 -13.05
N LYS A 49 -12.55 8.92 -14.26
CA LYS A 49 -11.35 8.12 -14.46
C LYS A 49 -10.13 8.91 -13.97
N GLU A 50 -9.26 8.22 -13.26
CA GLU A 50 -8.12 8.85 -12.62
C GLU A 50 -7.18 9.48 -13.64
N GLY A 51 -6.82 10.74 -13.41
CA GLY A 51 -5.96 11.48 -14.30
C GLY A 51 -6.65 12.05 -15.53
N SER A 52 -7.97 11.86 -15.61
CA SER A 52 -8.79 12.36 -16.70
C SER A 52 -9.29 13.76 -16.42
N MET A 53 -9.35 14.09 -15.14
CA MET A 53 -9.88 15.36 -14.71
C MET A 53 -8.93 16.03 -13.74
N SER A 54 -8.84 17.35 -13.86
CA SER A 54 -8.12 18.11 -12.87
C SER A 54 -9.13 18.28 -11.74
N GLU A 55 -9.21 17.25 -10.90
CA GLU A 55 -10.23 17.15 -9.85
C GLU A 55 -10.15 18.22 -8.75
N ASP A 56 -8.94 18.60 -8.38
CA ASP A 56 -8.84 19.65 -7.37
C ASP A 56 -9.41 20.97 -7.90
N GLU A 57 -9.12 21.28 -9.15
CA GLU A 57 -9.65 22.51 -9.74
C GLU A 57 -11.17 22.50 -9.91
N PHE A 58 -11.72 21.37 -10.35
CA PHE A 58 -13.15 21.25 -10.51
C PHE A 58 -13.85 21.41 -9.17
N ILE A 59 -13.34 20.74 -8.15
CA ILE A 59 -13.99 20.77 -6.87
C ILE A 59 -14.07 22.18 -6.24
N GLU A 60 -12.99 22.92 -6.30
CA GLU A 60 -12.95 24.21 -5.69
C GLU A 60 -13.66 25.32 -6.47
N GLU A 61 -14.13 25.00 -7.65
CA GLU A 61 -15.00 25.92 -8.35
C GLU A 61 -16.38 25.32 -8.54
N ALA A 62 -16.54 24.08 -8.16
CA ALA A 62 -17.71 23.30 -8.49
C ALA A 62 -19.03 23.90 -7.98
N LYS A 63 -18.96 24.69 -6.94
CA LYS A 63 -20.11 25.34 -6.33
C LYS A 63 -20.81 26.30 -7.29
N VAL A 64 -20.02 26.99 -8.07
CA VAL A 64 -20.57 27.90 -9.05
C VAL A 64 -21.42 27.14 -10.04
N MET A 65 -20.93 25.98 -10.45
CA MET A 65 -21.66 25.10 -11.35
C MET A 65 -22.96 24.53 -10.78
N MET A 66 -22.88 24.03 -9.54
CA MET A 66 -23.99 23.36 -8.90
C MET A 66 -25.19 24.27 -8.82
N ASN A 67 -24.94 25.51 -8.47
CA ASN A 67 -25.94 26.53 -8.29
C ASN A 67 -26.49 27.05 -9.60
N LEU A 68 -25.90 26.61 -10.70
CA LEU A 68 -26.46 26.99 -11.97
C LEU A 68 -27.75 26.23 -12.08
N SER A 69 -28.83 26.99 -12.11
CA SER A 69 -30.13 26.45 -12.01
C SER A 69 -31.00 26.93 -13.18
N HIS A 70 -31.34 26.03 -14.08
CA HIS A 70 -32.23 26.38 -15.14
C HIS A 70 -32.88 25.11 -15.67
N GLU A 71 -34.10 25.26 -16.11
CA GLU A 71 -34.94 24.22 -16.59
C GLU A 71 -34.30 23.49 -17.77
N LYS A 72 -33.56 24.18 -18.61
CA LYS A 72 -32.98 23.60 -19.82
C LYS A 72 -31.52 23.16 -19.68
N LEU A 73 -31.03 23.06 -18.46
CA LEU A 73 -29.68 22.59 -18.23
C LEU A 73 -29.70 21.20 -17.61
N VAL A 74 -28.78 20.33 -17.98
CA VAL A 74 -28.78 19.06 -17.30
C VAL A 74 -28.17 19.27 -15.90
N GLN A 75 -29.05 19.32 -14.92
CA GLN A 75 -28.74 19.77 -13.56
C GLN A 75 -27.73 18.89 -12.85
N LEU A 76 -26.67 19.48 -12.30
CA LEU A 76 -25.77 18.76 -11.44
C LEU A 76 -26.50 18.73 -10.09
N TYR A 77 -26.67 17.56 -9.51
CA TYR A 77 -27.31 17.41 -8.24
C TYR A 77 -26.31 17.43 -7.08
N GLY A 78 -25.16 16.84 -7.31
CA GLY A 78 -24.13 16.73 -6.32
C GLY A 78 -22.92 15.95 -6.74
N VAL A 79 -22.04 15.70 -5.78
CA VAL A 79 -20.79 15.00 -5.98
C VAL A 79 -20.38 14.13 -4.78
N CYS A 80 -19.67 13.06 -5.09
CA CYS A 80 -19.06 12.19 -4.12
C CYS A 80 -17.54 12.29 -4.34
N THR A 81 -16.81 12.81 -3.36
CA THR A 81 -15.38 13.03 -3.46
C THR A 81 -14.54 12.50 -2.32
N LYS A 82 -15.15 11.95 -1.28
CA LYS A 82 -14.36 11.33 -0.22
C LYS A 82 -13.97 9.92 -0.59
N GLN A 83 -13.35 9.80 -1.76
CA GLN A 83 -13.20 8.55 -2.46
C GLN A 83 -12.34 8.64 -3.71
N ARG A 84 -12.13 7.52 -4.34
CA ARG A 84 -11.65 7.49 -5.71
C ARG A 84 -12.15 6.17 -6.26
N PRO A 85 -12.85 6.16 -7.40
CA PRO A 85 -13.03 7.33 -8.25
C PRO A 85 -14.08 8.26 -7.72
N ILE A 86 -13.93 9.53 -7.99
CA ILE A 86 -14.88 10.53 -7.68
C ILE A 86 -16.11 10.34 -8.54
N PHE A 87 -17.27 10.72 -8.00
CA PHE A 87 -18.54 10.73 -8.71
C PHE A 87 -19.06 12.15 -9.01
N ILE A 88 -19.67 12.34 -10.17
CA ILE A 88 -20.49 13.50 -10.44
C ILE A 88 -21.93 13.05 -10.77
N ILE A 89 -22.90 13.53 -10.01
CA ILE A 89 -24.26 13.06 -10.11
C ILE A 89 -25.17 14.14 -10.68
N THR A 90 -25.92 13.76 -11.70
CA THR A 90 -26.76 14.69 -12.44
C THR A 90 -28.13 14.14 -12.67
N GLU A 91 -28.98 14.99 -13.19
CA GLU A 91 -30.25 14.64 -13.72
C GLU A 91 -30.09 13.57 -14.79
N TYR A 92 -31.03 12.63 -14.82
CA TYR A 92 -31.06 11.62 -15.84
C TYR A 92 -31.98 12.00 -17.02
N MET A 93 -31.45 11.81 -18.23
CA MET A 93 -32.16 12.09 -19.47
C MET A 93 -32.47 10.84 -20.31
N ALA A 94 -33.73 10.48 -20.32
CA ALA A 94 -34.19 9.19 -20.80
C ALA A 94 -34.01 8.91 -22.28
N ASN A 95 -34.22 9.92 -23.08
CA ASN A 95 -34.21 9.74 -24.50
C ASN A 95 -32.79 9.92 -25.07
N GLY A 96 -31.83 10.09 -24.17
CA GLY A 96 -30.44 10.07 -24.57
C GLY A 96 -29.88 11.24 -25.36
N CYS A 97 -28.78 11.01 -26.06
CA CYS A 97 -28.11 12.08 -26.79
C CYS A 97 -28.97 12.58 -27.97
N LEU A 98 -28.94 13.89 -28.18
CA LEU A 98 -29.75 14.52 -29.20
C LEU A 98 -29.36 14.02 -30.57
N LEU A 99 -28.08 13.88 -30.80
CA LEU A 99 -27.62 13.60 -32.11
C LEU A 99 -28.32 12.30 -32.56
N ASN A 100 -28.44 11.32 -31.69
CA ASN A 100 -29.16 10.12 -32.11
C ASN A 100 -30.60 10.33 -32.35
N TYR A 101 -31.22 11.11 -31.49
CA TYR A 101 -32.65 11.36 -31.52
C TYR A 101 -33.01 12.00 -32.84
N LEU A 102 -32.14 12.91 -33.27
CA LEU A 102 -32.23 13.60 -34.54
C LEU A 102 -32.04 12.70 -35.73
N ARG A 103 -31.26 11.64 -35.53
CA ARG A 103 -30.84 10.79 -36.63
C ARG A 103 -31.86 9.68 -36.81
N GLU A 104 -33.00 9.83 -36.15
CA GLU A 104 -34.13 8.93 -36.31
C GLU A 104 -35.21 9.52 -37.20
N MET A 105 -35.56 8.75 -38.24
CA MET A 105 -36.76 8.94 -39.04
C MET A 105 -37.80 7.96 -38.49
N ARG A 106 -37.38 7.21 -37.48
CA ARG A 106 -38.29 6.40 -36.68
C ARG A 106 -39.21 7.39 -35.99
N HIS A 107 -38.59 8.46 -35.52
CA HIS A 107 -39.29 9.66 -35.16
C HIS A 107 -39.12 10.44 -36.43
N ARG A 108 -40.19 10.91 -37.05
CA ARG A 108 -39.96 11.88 -38.09
C ARG A 108 -40.57 13.16 -37.57
N PHE A 109 -39.74 14.20 -37.46
CA PHE A 109 -40.15 15.48 -36.89
C PHE A 109 -40.95 16.32 -37.86
N GLN A 110 -41.80 17.17 -37.31
CA GLN A 110 -42.26 18.33 -38.00
C GLN A 110 -41.15 19.33 -37.78
N THR A 111 -41.13 20.38 -38.58
CA THR A 111 -40.18 21.41 -38.37
C THR A 111 -40.40 22.12 -37.06
N GLN A 112 -41.63 22.09 -36.54
CA GLN A 112 -41.89 22.78 -35.26
C GLN A 112 -41.18 22.14 -34.08
N GLN A 113 -41.07 20.84 -34.15
CA GLN A 113 -40.33 20.13 -33.17
C GLN A 113 -38.88 20.55 -33.21
N LEU A 114 -38.35 20.70 -34.40
CA LEU A 114 -36.99 21.11 -34.57
C LEU A 114 -36.75 22.50 -33.96
N LEU A 115 -37.66 23.42 -34.23
CA LEU A 115 -37.49 24.80 -33.73
C LEU A 115 -37.56 24.81 -32.19
N GLU A 116 -38.44 23.98 -31.68
CA GLU A 116 -38.65 23.91 -30.24
C GLU A 116 -37.38 23.38 -29.55
N MET A 117 -36.68 22.50 -30.24
CA MET A 117 -35.40 22.07 -29.78
C MET A 117 -34.37 23.20 -29.71
N CYS A 118 -34.37 24.05 -30.72
CA CYS A 118 -33.46 25.19 -30.74
C CYS A 118 -33.78 26.13 -29.58
N LYS A 119 -35.08 26.38 -29.38
CA LYS A 119 -35.51 27.21 -28.27
C LYS A 119 -35.13 26.65 -26.90
N ASP A 120 -35.24 25.35 -26.74
CA ASP A 120 -34.86 24.81 -25.46
C ASP A 120 -33.40 25.12 -25.15
N VAL A 121 -32.53 24.91 -26.12
CA VAL A 121 -31.11 25.14 -25.96
C VAL A 121 -30.75 26.64 -25.79
N CYS A 122 -31.46 27.45 -26.55
CA CYS A 122 -31.23 28.88 -26.54
C CYS A 122 -31.62 29.45 -25.18
N GLU A 123 -32.65 28.86 -24.60
CA GLU A 123 -33.08 29.26 -23.27
C GLU A 123 -32.01 28.96 -22.25
N ALA A 124 -31.44 27.76 -22.40
CA ALA A 124 -30.36 27.36 -21.49
C ALA A 124 -29.16 28.27 -21.61
N MET A 125 -28.79 28.56 -22.85
CA MET A 125 -27.66 29.36 -23.14
C MET A 125 -27.85 30.82 -22.69
N GLU A 126 -29.08 31.32 -22.85
CA GLU A 126 -29.35 32.66 -22.40
C GLU A 126 -29.10 32.78 -20.88
N TYR A 127 -29.51 31.77 -20.13
CA TYR A 127 -29.21 31.70 -18.70
C TYR A 127 -27.73 31.59 -18.38
N LEU A 128 -26.99 30.74 -19.08
CA LEU A 128 -25.57 30.67 -18.82
C LEU A 128 -24.89 31.96 -19.16
N GLU A 129 -25.35 32.53 -20.26
CA GLU A 129 -24.82 33.79 -20.75
C GLU A 129 -25.02 34.88 -19.66
N SER A 130 -26.16 34.81 -19.01
CA SER A 130 -26.47 35.73 -17.89
C SER A 130 -25.60 35.53 -16.68
N LYS A 131 -25.01 34.35 -16.58
CA LYS A 131 -24.15 34.00 -15.43
C LYS A 131 -22.66 34.11 -15.75
N GLN A 132 -22.35 34.69 -16.89
CA GLN A 132 -21.01 34.86 -17.34
C GLN A 132 -20.33 33.49 -17.35
N PHE A 133 -21.06 32.44 -17.67
CA PHE A 133 -20.55 31.10 -17.67
C PHE A 133 -20.56 30.53 -19.10
N LEU A 134 -19.40 30.13 -19.55
CA LEU A 134 -19.28 29.59 -20.87
C LEU A 134 -19.47 28.10 -20.89
N HIS A 135 -20.19 27.60 -21.89
CA HIS A 135 -20.20 26.16 -22.08
C HIS A 135 -18.84 25.68 -22.61
N ARG A 136 -18.41 26.28 -23.70
CA ARG A 136 -17.13 26.03 -24.34
C ARG A 136 -17.04 24.77 -25.26
N ASP A 137 -18.07 23.97 -25.27
CA ASP A 137 -18.15 22.80 -26.19
C ASP A 137 -19.58 22.52 -26.55
N LEU A 138 -20.31 23.56 -26.89
CA LEU A 138 -21.69 23.36 -27.29
C LEU A 138 -21.81 22.70 -28.67
N ALA A 139 -22.56 21.62 -28.68
CA ALA A 139 -22.84 20.83 -29.86
C ALA A 139 -23.91 19.84 -29.49
N ALA A 140 -24.54 19.25 -30.50
CA ALA A 140 -25.59 18.33 -30.31
C ALA A 140 -25.11 17.08 -29.57
N ARG A 141 -23.82 16.79 -29.67
CA ARG A 141 -23.22 15.68 -28.94
C ARG A 141 -23.32 15.90 -27.44
N ASN A 142 -23.31 17.16 -27.04
CA ASN A 142 -23.39 17.55 -25.64
C ASN A 142 -24.80 18.00 -25.22
N CYS A 143 -25.79 17.61 -26.02
CA CYS A 143 -27.19 17.87 -25.70
C CYS A 143 -27.98 16.56 -25.50
N LEU A 144 -28.79 16.50 -24.45
CA LEU A 144 -29.59 15.35 -24.11
C LEU A 144 -31.11 15.63 -24.18
N VAL A 145 -31.87 14.56 -24.36
CA VAL A 145 -33.33 14.62 -24.43
C VAL A 145 -34.02 13.81 -23.34
N ASN A 146 -34.80 14.47 -22.52
CA ASN A 146 -35.50 13.78 -21.46
C ASN A 146 -36.75 13.05 -21.95
N ASP A 147 -37.44 12.28 -21.10
CA ASP A 147 -38.55 11.49 -21.54
C ASP A 147 -39.69 12.36 -22.02
N GLN A 148 -39.60 13.64 -21.74
CA GLN A 148 -40.60 14.60 -22.09
C GLN A 148 -40.30 15.28 -23.42
N GLY A 149 -39.22 14.89 -24.06
CA GLY A 149 -38.84 15.46 -25.33
C GLY A 149 -38.21 16.81 -25.26
N VAL A 150 -37.75 17.18 -24.08
CA VAL A 150 -37.02 18.40 -23.86
C VAL A 150 -35.55 18.16 -24.10
N VAL A 151 -34.95 19.10 -24.82
CA VAL A 151 -33.51 19.13 -25.02
C VAL A 151 -32.89 20.00 -23.93
N LYS A 152 -31.79 19.52 -23.37
CA LYS A 152 -31.11 20.23 -22.31
C LYS A 152 -29.62 20.20 -22.59
N VAL A 153 -28.94 21.28 -22.28
CA VAL A 153 -27.51 21.37 -22.49
C VAL A 153 -26.72 20.69 -21.37
N SER A 154 -25.70 19.92 -21.75
CA SER A 154 -24.95 19.10 -20.81
CA SER A 154 -24.86 19.14 -20.83
C SER A 154 -23.45 19.38 -20.82
N ASP A 155 -22.87 19.18 -19.65
CA ASP A 155 -21.43 19.20 -19.43
C ASP A 155 -20.82 20.56 -19.69
N PHE A 156 -21.62 21.58 -19.47
CA PHE A 156 -21.18 22.92 -19.67
C PHE A 156 -20.07 23.21 -18.68
N GLY A 157 -18.99 23.75 -19.23
CA GLY A 157 -17.87 24.26 -18.48
C GLY A 157 -16.84 23.22 -18.05
N LEU A 158 -17.17 21.97 -18.22
CA LEU A 158 -16.31 20.87 -17.82
C LEU A 158 -15.10 20.67 -18.72
N SER A 159 -15.11 21.34 -19.85
CA SER A 159 -14.00 21.37 -20.76
C SER A 159 -12.75 21.90 -20.10
N ARG A 160 -12.93 22.84 -19.20
CA ARG A 160 -11.87 23.51 -18.52
C ARG A 160 -11.00 22.54 -17.73
N TYR A 161 -11.57 21.41 -17.33
CA TYR A 161 -10.92 20.49 -16.40
C TYR A 161 -10.42 19.20 -17.03
N VAL A 162 -10.36 19.18 -18.34
CA VAL A 162 -9.96 18.01 -19.05
C VAL A 162 -8.46 17.90 -19.08
N LEU A 163 -7.94 16.73 -18.75
CA LEU A 163 -6.54 16.48 -18.93
C LEU A 163 -6.37 15.59 -20.16
N ASP A 164 -6.31 16.20 -21.31
CA ASP A 164 -6.06 15.53 -22.54
C ASP A 164 -5.66 16.63 -23.52
N ASP A 165 -4.40 16.70 -23.94
CA ASP A 165 -3.98 17.69 -24.92
C ASP A 165 -4.63 17.51 -26.30
N GLU A 166 -5.08 16.29 -26.58
CA GLU A 166 -5.77 15.99 -27.84
C GLU A 166 -7.08 16.73 -27.91
N TYR A 167 -7.69 16.92 -26.75
CA TYR A 167 -8.93 17.67 -26.68
C TYR A 167 -8.77 19.19 -26.42
N THR A 168 -7.79 19.54 -25.61
CA THR A 168 -7.55 20.95 -25.21
C THR A 168 -6.81 21.82 -26.21
N SER A 169 -5.97 21.19 -27.00
CA SER A 169 -5.25 21.84 -28.07
C SER A 169 -6.11 22.04 -29.32
N SER A 170 -5.99 23.22 -29.92
CA SER A 170 -6.83 23.61 -31.07
C SER A 170 -6.63 22.65 -32.25
N VAL A 171 -5.38 22.22 -32.42
CA VAL A 171 -5.04 21.26 -33.47
C VAL A 171 -5.13 19.79 -33.01
N GLY A 172 -5.63 19.59 -31.81
CA GLY A 172 -5.84 18.26 -31.35
C GLY A 172 -6.92 17.50 -32.13
N SER A 173 -6.80 16.18 -32.14
CA SER A 173 -7.73 15.32 -32.84
C SER A 173 -9.14 15.38 -32.25
N LYS A 174 -9.24 15.75 -30.98
CA LYS A 174 -10.50 15.80 -30.24
C LYS A 174 -11.12 17.19 -30.09
N PHE A 175 -10.39 18.21 -30.52
CA PHE A 175 -10.84 19.60 -30.39
C PHE A 175 -12.07 19.85 -31.27
N PRO A 176 -12.99 20.68 -30.80
CA PRO A 176 -14.23 20.93 -31.54
C PRO A 176 -14.02 21.99 -32.62
N VAL A 177 -13.24 21.65 -33.63
CA VAL A 177 -12.88 22.60 -34.68
C VAL A 177 -14.11 23.07 -35.45
N ARG A 178 -15.01 22.15 -35.72
CA ARG A 178 -16.21 22.42 -36.51
C ARG A 178 -17.22 23.34 -35.82
N TRP A 179 -17.12 23.46 -34.51
CA TRP A 179 -18.00 24.33 -33.72
C TRP A 179 -17.35 25.65 -33.23
N SER A 180 -16.16 25.97 -33.73
CA SER A 180 -15.38 27.06 -33.20
C SER A 180 -15.27 28.17 -34.21
N PRO A 181 -15.41 29.41 -33.73
CA PRO A 181 -15.23 30.60 -34.58
C PRO A 181 -13.78 30.87 -34.91
N PRO A 182 -13.51 31.69 -35.93
CA PRO A 182 -12.12 31.86 -36.36
C PRO A 182 -11.20 32.35 -35.23
N GLU A 183 -11.70 33.20 -34.37
CA GLU A 183 -10.89 33.67 -33.23
C GLU A 183 -10.55 32.64 -32.16
N VAL A 184 -11.28 31.52 -32.15
CA VAL A 184 -10.92 30.37 -31.35
C VAL A 184 -9.84 29.53 -32.05
N LEU A 185 -10.03 29.31 -33.34
CA LEU A 185 -9.06 28.57 -34.15
C LEU A 185 -7.70 29.26 -34.28
N MET A 186 -7.75 30.55 -34.43
CA MET A 186 -6.53 31.31 -34.56
C MET A 186 -5.87 31.74 -33.29
N TYR A 187 -6.71 32.05 -32.30
CA TYR A 187 -6.23 32.69 -31.12
C TYR A 187 -6.69 32.18 -29.74
N SER A 188 -7.39 31.07 -29.71
CA SER A 188 -7.90 30.47 -28.48
C SER A 188 -8.66 31.48 -27.64
N LYS A 189 -9.42 32.32 -28.31
CA LYS A 189 -10.19 33.37 -27.69
C LYS A 189 -11.67 32.95 -27.47
N PHE A 190 -11.94 32.42 -26.30
CA PHE A 190 -13.25 31.95 -25.93
C PHE A 190 -14.02 33.08 -25.22
N SER A 191 -15.26 33.24 -25.61
CA SER A 191 -16.15 34.26 -25.07
C SER A 191 -17.62 33.93 -25.29
N SER A 192 -18.48 34.86 -24.88
CA SER A 192 -19.89 34.65 -25.12
C SER A 192 -20.14 34.39 -26.59
N LYS A 193 -19.40 35.12 -27.41
CA LYS A 193 -19.48 35.07 -28.84
C LYS A 193 -19.00 33.75 -29.51
N SER A 194 -18.11 33.03 -28.85
CA SER A 194 -17.79 31.67 -29.26
C SER A 194 -18.89 30.62 -29.05
N ASP A 195 -19.59 30.75 -27.92
CA ASP A 195 -20.73 29.94 -27.63
C ASP A 195 -21.86 30.24 -28.67
N ILE A 196 -21.99 31.48 -29.04
CA ILE A 196 -22.94 31.89 -30.05
C ILE A 196 -22.67 31.21 -31.42
N TRP A 197 -21.42 31.17 -31.84
CA TRP A 197 -21.06 30.56 -33.09
C TRP A 197 -21.40 29.08 -33.09
N ALA A 198 -21.07 28.43 -32.01
CA ALA A 198 -21.33 27.03 -31.78
C ALA A 198 -22.81 26.72 -31.84
N PHE A 199 -23.59 27.63 -31.28
CA PHE A 199 -25.03 27.49 -31.29
C PHE A 199 -25.63 27.51 -32.69
N GLY A 200 -25.11 28.40 -33.48
CA GLY A 200 -25.54 28.40 -34.86
C GLY A 200 -25.19 27.05 -35.53
N VAL A 201 -24.00 26.52 -35.27
CA VAL A 201 -23.65 25.20 -35.83
C VAL A 201 -24.60 24.15 -35.28
N LEU A 202 -24.94 24.26 -34.00
CA LEU A 202 -25.93 23.37 -33.41
C LEU A 202 -27.34 23.45 -34.05
N MET A 203 -27.77 24.65 -34.41
CA MET A 203 -29.03 24.80 -35.11
C MET A 203 -28.92 24.10 -36.47
N TRP A 204 -27.79 24.21 -37.10
CA TRP A 204 -27.60 23.53 -38.34
C TRP A 204 -27.65 22.02 -38.14
N GLU A 205 -27.07 21.54 -37.03
CA GLU A 205 -27.13 20.10 -36.73
C GLU A 205 -28.55 19.63 -36.54
N ILE A 206 -29.34 20.42 -35.88
CA ILE A 206 -30.73 20.05 -35.67
C ILE A 206 -31.60 19.94 -36.94
N TYR A 207 -31.50 20.96 -37.77
CA TYR A 207 -32.25 21.04 -39.01
C TYR A 207 -31.78 20.12 -40.08
N SER A 208 -30.51 19.72 -39.99
CA SER A 208 -29.95 18.76 -40.95
C SER A 208 -30.19 17.31 -40.44
N LEU A 209 -30.85 17.20 -39.32
CA LEU A 209 -31.10 15.92 -38.75
C LEU A 209 -29.83 15.13 -38.41
N GLY A 210 -28.84 15.84 -37.88
CA GLY A 210 -27.63 15.20 -37.42
C GLY A 210 -26.44 14.97 -38.33
N LYS A 211 -26.41 15.64 -39.46
CA LYS A 211 -25.25 15.60 -40.33
C LYS A 211 -24.06 16.29 -39.67
N MET A 212 -22.84 15.83 -39.98
CA MET A 212 -21.62 16.42 -39.46
C MET A 212 -21.31 17.66 -40.26
N PRO A 213 -21.00 18.74 -39.58
CA PRO A 213 -20.72 19.98 -40.28
C PRO A 213 -19.44 19.89 -41.11
N TYR A 214 -19.44 20.49 -42.29
CA TYR A 214 -18.27 20.48 -43.18
C TYR A 214 -17.75 19.08 -43.46
N GLU A 215 -18.62 18.21 -43.89
CA GLU A 215 -18.42 16.79 -43.91
C GLU A 215 -17.26 16.33 -44.78
N ARG A 216 -17.03 17.03 -45.85
CA ARG A 216 -16.03 16.56 -46.80
C ARG A 216 -14.69 17.27 -46.65
N PHE A 217 -14.52 17.89 -45.48
CA PHE A 217 -13.30 18.52 -45.10
C PHE A 217 -12.83 17.92 -43.76
N THR A 218 -11.52 17.80 -43.60
CA THR A 218 -10.95 17.47 -42.33
C THR A 218 -10.88 18.68 -41.43
N ASN A 219 -10.50 18.45 -40.18
CA ASN A 219 -10.41 19.55 -39.27
C ASN A 219 -9.44 20.62 -39.76
N SER A 220 -8.30 20.21 -40.28
CA SER A 220 -7.35 21.17 -40.79
C SER A 220 -7.94 22.01 -41.95
N GLU A 221 -8.65 21.36 -42.84
CA GLU A 221 -9.29 22.03 -43.95
C GLU A 221 -10.35 23.00 -43.48
N THR A 222 -11.12 22.56 -42.51
CA THR A 222 -12.23 23.30 -42.00
C THR A 222 -11.72 24.56 -41.38
N ALA A 223 -10.66 24.46 -40.62
CA ALA A 223 -10.14 25.66 -40.02
C ALA A 223 -9.67 26.64 -41.05
N GLU A 224 -9.02 26.11 -42.08
CA GLU A 224 -8.44 26.97 -43.02
C GLU A 224 -9.51 27.68 -43.71
N HIS A 225 -10.48 26.92 -44.15
CA HIS A 225 -11.51 27.48 -44.98
C HIS A 225 -12.46 28.47 -44.26
N ILE A 226 -12.79 28.24 -43.00
CA ILE A 226 -13.76 29.10 -42.32
C ILE A 226 -13.16 30.53 -42.23
N ALA A 227 -11.85 30.58 -42.12
CA ALA A 227 -11.13 31.87 -42.16
C ALA A 227 -11.16 32.57 -43.54
N GLN A 228 -11.43 31.76 -44.57
CA GLN A 228 -11.67 32.27 -45.91
C GLN A 228 -13.15 32.57 -46.12
N GLY A 229 -13.94 32.41 -45.05
CA GLY A 229 -15.35 32.70 -45.12
C GLY A 229 -16.32 31.58 -45.49
N LEU A 230 -15.86 30.35 -45.54
CA LEU A 230 -16.77 29.26 -45.83
C LEU A 230 -17.82 29.16 -44.72
N ARG A 231 -19.07 28.96 -45.11
CA ARG A 231 -20.18 28.87 -44.18
C ARG A 231 -21.08 27.69 -44.51
N LEU A 232 -21.77 27.17 -43.50
CA LEU A 232 -22.70 26.08 -43.72
C LEU A 232 -23.89 26.51 -44.57
N TYR A 233 -24.31 25.63 -45.48
CA TYR A 233 -25.46 25.86 -46.31
C TYR A 233 -26.77 25.66 -45.57
N ARG A 234 -27.84 26.16 -46.16
CA ARG A 234 -29.16 26.07 -45.52
C ARG A 234 -29.67 24.62 -45.60
N PRO A 235 -29.92 23.99 -44.46
CA PRO A 235 -30.45 22.63 -44.50
C PRO A 235 -31.83 22.64 -45.14
N HIS A 236 -32.21 21.55 -45.80
CA HIS A 236 -33.42 21.45 -46.54
C HIS A 236 -34.71 21.72 -45.73
N LEU A 237 -34.74 21.20 -44.51
CA LEU A 237 -35.88 21.47 -43.63
C LEU A 237 -35.87 22.86 -42.99
N ALA A 238 -34.79 23.59 -43.15
CA ALA A 238 -34.69 24.94 -42.63
C ALA A 238 -35.25 26.04 -43.60
N SER A 239 -36.23 26.79 -43.09
CA SER A 239 -36.75 27.92 -43.77
C SER A 239 -35.69 29.01 -43.91
N GLU A 240 -35.92 29.95 -44.81
CA GLU A 240 -35.01 31.05 -44.89
C GLU A 240 -34.95 31.83 -43.59
N LYS A 241 -36.07 32.02 -42.93
CA LYS A 241 -36.08 32.76 -41.69
C LYS A 241 -35.23 32.10 -40.60
N VAL A 242 -35.28 30.79 -40.55
CA VAL A 242 -34.42 30.01 -39.64
C VAL A 242 -32.95 30.04 -40.02
N TYR A 243 -32.68 29.94 -41.32
CA TYR A 243 -31.32 30.00 -41.79
C TYR A 243 -30.71 31.37 -41.50
N THR A 244 -31.54 32.38 -41.60
CA THR A 244 -31.05 33.68 -41.23
C THR A 244 -30.58 33.72 -39.78
N ILE A 245 -31.30 33.06 -38.89
CA ILE A 245 -30.92 33.05 -37.48
C ILE A 245 -29.63 32.29 -37.18
N MET A 246 -29.49 31.10 -37.73
CA MET A 246 -28.24 30.41 -37.49
C MET A 246 -27.01 31.12 -38.10
N TYR A 247 -27.18 31.63 -39.30
CA TYR A 247 -26.14 32.32 -39.99
C TYR A 247 -25.68 33.58 -39.26
N SER A 248 -26.60 34.24 -38.57
CA SER A 248 -26.27 35.43 -37.80
C SER A 248 -25.22 35.09 -36.72
N CYS A 249 -25.16 33.82 -36.37
CA CYS A 249 -24.18 33.31 -35.40
C CYS A 249 -22.75 33.32 -35.93
N TRP A 250 -22.65 33.28 -37.23
CA TRP A 250 -21.39 33.07 -37.91
C TRP A 250 -20.66 34.32 -38.47
N HIS A 251 -20.99 35.50 -38.01
CA HIS A 251 -20.22 36.66 -38.41
C HIS A 251 -18.76 36.53 -37.98
N GLU A 252 -17.86 36.91 -38.86
CA GLU A 252 -16.43 36.82 -38.64
C GLU A 252 -16.00 37.62 -37.43
N LYS A 253 -16.50 38.82 -37.34
CA LYS A 253 -16.22 39.67 -36.19
C LYS A 253 -17.14 39.32 -35.01
N ALA A 254 -16.56 38.99 -33.87
CA ALA A 254 -17.30 38.48 -32.72
C ALA A 254 -18.31 39.42 -32.16
N ASP A 255 -17.98 40.69 -32.13
CA ASP A 255 -18.90 41.68 -31.59
C ASP A 255 -20.16 41.98 -32.42
N GLU A 256 -20.21 41.49 -33.65
CA GLU A 256 -21.42 41.58 -34.44
C GLU A 256 -22.39 40.38 -34.42
N ARG A 257 -21.98 39.32 -33.75
CA ARG A 257 -22.87 38.21 -33.42
C ARG A 257 -23.86 38.55 -32.29
N PRO A 258 -25.09 38.05 -32.39
CA PRO A 258 -26.16 38.36 -31.45
C PRO A 258 -25.86 37.74 -30.10
N THR A 259 -26.63 38.15 -29.12
CA THR A 259 -26.77 37.49 -27.85
C THR A 259 -27.83 36.36 -27.81
N PHE A 260 -27.78 35.50 -26.82
CA PHE A 260 -28.75 34.45 -26.73
C PHE A 260 -30.15 35.04 -26.46
N LYS A 261 -30.16 36.21 -25.86
CA LYS A 261 -31.36 36.95 -25.66
C LYS A 261 -31.95 37.36 -27.00
N ILE A 262 -31.12 37.88 -27.91
CA ILE A 262 -31.61 38.31 -29.24
C ILE A 262 -32.02 37.14 -30.10
N LEU A 263 -31.22 36.09 -30.05
CA LEU A 263 -31.54 34.85 -30.73
C LEU A 263 -32.86 34.22 -30.28
N LEU A 264 -33.12 34.20 -28.97
CA LEU A 264 -34.36 33.64 -28.46
C LEU A 264 -35.53 34.44 -29.00
N SER A 265 -35.36 35.76 -29.08
CA SER A 265 -36.41 36.62 -29.57
C SER A 265 -36.75 36.32 -31.03
N ASN A 266 -35.72 36.14 -31.83
CA ASN A 266 -35.90 35.80 -33.22
C ASN A 266 -36.57 34.44 -33.40
N ILE A 267 -36.15 33.48 -32.59
CA ILE A 267 -36.76 32.16 -32.64
C ILE A 267 -38.23 32.22 -32.25
N LEU A 268 -38.51 33.03 -31.24
CA LEU A 268 -39.85 33.21 -30.74
C LEU A 268 -40.72 33.86 -31.80
N ASP A 269 -40.13 34.77 -32.57
CA ASP A 269 -40.84 35.42 -33.65
C ASP A 269 -41.22 34.48 -34.79
N VAL A 270 -40.32 33.57 -35.12
CA VAL A 270 -40.60 32.57 -36.12
C VAL A 270 -41.72 31.64 -35.71
N MET A 271 -41.78 31.34 -34.42
CA MET A 271 -42.77 30.45 -33.84
C MET A 271 -44.21 31.00 -33.85
N ASP A 272 -44.34 32.29 -33.62
CA ASP A 272 -45.61 32.98 -33.75
C ASP A 272 -46.10 33.07 -35.19
N GLU A 273 -45.16 33.23 -36.11
CA GLU A 273 -45.47 33.41 -37.51
C GLU A 273 -45.38 32.14 -38.37
N GLU A 274 -44.37 31.31 -38.08
CA GLU A 274 -44.01 30.16 -38.94
C GLU A 274 -44.18 28.79 -38.28
N PRO B 1 -4.30 2.99 -6.54
CA PRO B 1 -4.42 4.41 -6.86
C PRO B 1 -3.14 5.23 -6.93
N SER B 2 -3.23 6.32 -7.65
CA SER B 2 -2.21 7.29 -7.62
C SER B 2 -2.67 8.69 -7.43
N THR B 3 -1.73 9.55 -7.64
CA THR B 3 -1.82 10.95 -7.45
C THR B 3 -2.42 11.68 -8.68
N ALA B 4 -2.62 10.96 -9.76
CA ALA B 4 -3.06 11.64 -10.96
C ALA B 4 -4.44 12.29 -10.79
N GLY B 5 -4.55 13.51 -11.31
CA GLY B 5 -5.79 14.25 -11.32
C GLY B 5 -6.01 15.05 -10.05
N LEU B 6 -5.12 14.87 -9.09
CA LEU B 6 -5.27 15.52 -7.80
C LEU B 6 -4.54 16.85 -7.66
N GLY B 7 -3.78 17.24 -8.69
CA GLY B 7 -2.99 18.46 -8.62
C GLY B 7 -1.89 18.55 -7.58
N TYR B 8 -1.15 17.47 -7.38
CA TYR B 8 0.06 17.43 -6.53
C TYR B 8 1.31 18.17 -7.05
N GLY B 9 1.42 18.34 -8.35
CA GLY B 9 2.57 18.98 -8.90
C GLY B 9 3.91 18.33 -8.62
N SER B 10 4.81 19.14 -8.14
CA SER B 10 6.18 18.70 -7.85
C SER B 10 6.26 17.77 -6.65
N TRP B 11 5.19 17.68 -5.90
CA TRP B 11 5.06 16.75 -4.80
C TRP B 11 5.07 15.31 -5.25
N GLU B 12 4.72 15.07 -6.50
CA GLU B 12 4.80 13.73 -7.05
C GLU B 12 6.12 13.66 -7.73
N ILE B 13 7.07 13.07 -7.02
CA ILE B 13 8.45 12.96 -7.42
C ILE B 13 8.63 11.78 -8.36
N ASP B 14 9.48 11.99 -9.35
CA ASP B 14 9.84 10.92 -10.26
C ASP B 14 10.98 10.12 -9.66
N PRO B 15 10.73 8.85 -9.45
CA PRO B 15 11.65 8.06 -8.67
C PRO B 15 12.93 7.82 -9.43
N LYS B 16 12.92 8.16 -10.69
CA LYS B 16 14.11 8.01 -11.48
C LYS B 16 15.24 8.88 -10.93
N ASP B 17 14.86 9.97 -10.29
CA ASP B 17 15.78 10.92 -9.72
C ASP B 17 16.23 10.55 -8.28
N LEU B 18 15.86 9.37 -7.85
CA LEU B 18 16.24 8.86 -6.55
C LEU B 18 17.32 7.79 -6.59
N THR B 19 18.27 7.93 -5.69
CA THR B 19 19.30 6.96 -5.52
C THR B 19 19.10 6.39 -4.12
N PHE B 20 19.22 5.08 -3.98
CA PHE B 20 19.12 4.44 -2.68
C PHE B 20 20.52 4.06 -2.22
N LEU B 21 20.83 4.37 -0.98
CA LEU B 21 22.22 4.30 -0.51
C LEU B 21 22.50 3.40 0.70
N LYS B 22 21.69 3.54 1.74
CA LYS B 22 21.74 2.65 2.88
C LYS B 22 20.40 2.47 3.56
N GLU B 23 20.27 1.33 4.22
CA GLU B 23 19.11 1.10 5.05
C GLU B 23 19.14 1.98 6.29
N LEU B 24 17.96 2.41 6.71
CA LEU B 24 17.77 3.22 7.91
C LEU B 24 16.93 2.54 8.99
N GLY B 25 16.50 1.31 8.77
CA GLY B 25 15.68 0.64 9.76
C GLY B 25 14.25 0.46 9.29
N THR B 26 13.37 0.08 10.20
CA THR B 26 11.99 -0.09 9.86
C THR B 26 11.07 0.59 10.86
N GLY B 27 9.95 1.09 10.36
CA GLY B 27 8.90 1.68 11.16
C GLY B 27 7.58 0.99 10.86
N GLN B 28 6.49 1.62 11.26
CA GLN B 28 5.18 1.02 11.13
C GLN B 28 4.81 0.70 9.68
N PHE B 29 5.37 1.45 8.74
CA PHE B 29 5.05 1.24 7.34
C PHE B 29 6.11 0.38 6.64
N GLY B 30 6.98 -0.24 7.41
CA GLY B 30 8.05 -1.04 6.85
C GLY B 30 9.41 -0.40 6.73
N VAL B 31 10.10 -0.78 5.68
CA VAL B 31 11.45 -0.34 5.46
C VAL B 31 11.58 1.15 5.15
N VAL B 32 12.64 1.76 5.65
CA VAL B 32 13.04 3.11 5.31
C VAL B 32 14.52 3.10 4.92
N LYS B 33 14.86 3.84 3.87
CA LYS B 33 16.20 3.86 3.40
C LYS B 33 16.72 5.27 3.27
N TYR B 34 18.03 5.42 3.26
CA TYR B 34 18.67 6.70 3.00
C TYR B 34 19.26 6.78 1.59
N GLY B 35 19.18 7.94 0.98
CA GLY B 35 19.51 8.08 -0.42
C GLY B 35 19.68 9.52 -0.85
N LYS B 36 19.74 9.75 -2.17
CA LYS B 36 19.83 11.08 -2.72
C LYS B 36 18.67 11.35 -3.67
N TRP B 37 18.30 12.61 -3.79
CA TRP B 37 17.33 13.04 -4.79
C TRP B 37 17.99 14.09 -5.68
N ARG B 38 17.92 13.85 -6.99
CA ARG B 38 18.49 14.74 -8.00
C ARG B 38 20.01 14.85 -7.84
N GLY B 39 20.55 13.90 -7.12
CA GLY B 39 21.99 13.86 -6.95
C GLY B 39 22.53 14.98 -6.10
N GLN B 40 21.62 15.69 -5.45
CA GLN B 40 21.91 16.91 -4.74
C GLN B 40 21.43 16.97 -3.31
N TYR B 41 20.42 16.19 -2.96
CA TYR B 41 19.77 16.26 -1.63
C TYR B 41 19.71 14.94 -0.84
N ASP B 42 20.16 14.96 0.40
CA ASP B 42 19.99 13.84 1.28
C ASP B 42 18.50 13.69 1.60
N VAL B 43 17.97 12.48 1.43
CA VAL B 43 16.61 12.17 1.80
C VAL B 43 16.52 10.88 2.57
N ALA B 44 15.44 10.76 3.30
CA ALA B 44 15.02 9.44 3.76
C ALA B 44 13.81 9.04 2.95
N ILE B 45 13.77 7.77 2.56
CA ILE B 45 12.69 7.26 1.77
C ILE B 45 11.96 6.11 2.45
N LYS B 46 10.69 6.31 2.74
CA LYS B 46 9.85 5.27 3.19
C LYS B 46 9.35 4.48 1.99
N MET B 47 9.41 3.18 2.09
CA MET B 47 8.73 2.30 1.18
C MET B 47 7.56 1.70 1.96
N ILE B 48 6.39 2.03 1.48
CA ILE B 48 5.19 1.71 2.21
C ILE B 48 4.86 0.26 1.88
N LYS B 49 5.05 -0.63 2.87
CA LYS B 49 4.73 -2.03 2.68
C LYS B 49 3.24 -2.31 2.51
N GLU B 50 2.91 -3.42 1.83
CA GLU B 50 1.55 -3.75 1.54
C GLU B 50 0.76 -4.01 2.81
N GLY B 51 -0.43 -3.54 2.84
CA GLY B 51 -1.33 -3.79 3.91
C GLY B 51 -1.09 -2.91 5.11
N SER B 52 -0.16 -2.00 5.01
CA SER B 52 0.17 -1.24 6.18
C SER B 52 -0.52 0.09 6.25
N MET B 53 -1.00 0.55 5.10
CA MET B 53 -1.49 1.90 4.97
C MET B 53 -2.80 2.05 4.22
N SER B 54 -3.62 2.97 4.70
CA SER B 54 -4.85 3.35 4.02
C SER B 54 -4.48 4.29 2.87
N GLU B 55 -3.96 3.74 1.81
CA GLU B 55 -3.33 4.49 0.75
C GLU B 55 -4.25 5.45 0.04
N ASP B 56 -5.47 4.99 -0.18
CA ASP B 56 -6.53 5.75 -0.78
C ASP B 56 -6.83 7.00 0.05
N GLU B 57 -6.92 6.88 1.36
CA GLU B 57 -7.10 8.04 2.22
C GLU B 57 -5.90 8.98 2.21
N PHE B 58 -4.69 8.40 2.28
CA PHE B 58 -3.49 9.19 2.38
C PHE B 58 -3.35 10.04 1.14
N ILE B 59 -3.55 9.41 0.00
CA ILE B 59 -3.38 10.12 -1.26
C ILE B 59 -4.38 11.27 -1.49
N GLU B 60 -5.63 11.01 -1.18
CA GLU B 60 -6.67 12.02 -1.29
C GLU B 60 -6.37 13.17 -0.36
N GLU B 61 -5.79 12.89 0.80
CA GLU B 61 -5.66 13.88 1.82
C GLU B 61 -4.27 14.47 2.03
N ALA B 62 -3.26 13.86 1.45
CA ALA B 62 -1.92 14.21 1.81
C ALA B 62 -1.42 15.57 1.34
N LYS B 63 -2.17 16.27 0.54
CA LYS B 63 -1.78 17.60 0.16
C LYS B 63 -1.70 18.56 1.33
N VAL B 64 -2.52 18.37 2.32
CA VAL B 64 -2.43 19.14 3.53
C VAL B 64 -1.08 18.92 4.22
N MET B 65 -0.67 17.66 4.30
CA MET B 65 0.61 17.35 4.89
C MET B 65 1.77 18.00 4.12
N MET B 66 1.77 17.83 2.80
CA MET B 66 2.85 18.31 1.99
C MET B 66 3.04 19.82 2.13
N ASN B 67 1.94 20.53 2.35
CA ASN B 67 1.91 21.98 2.51
C ASN B 67 2.33 22.40 3.93
N LEU B 68 2.68 21.48 4.81
CA LEU B 68 3.22 21.87 6.11
C LEU B 68 4.73 22.20 6.05
N SER B 69 5.07 23.45 6.31
CA SER B 69 6.43 23.87 6.21
C SER B 69 6.87 24.63 7.46
N HIS B 70 7.80 24.03 8.20
CA HIS B 70 8.37 24.66 9.34
C HIS B 70 9.76 24.05 9.55
N GLU B 71 10.71 24.87 9.99
CA GLU B 71 12.08 24.47 10.10
C GLU B 71 12.25 23.45 11.22
N LYS B 72 11.26 23.35 12.10
CA LYS B 72 11.27 22.33 13.14
C LYS B 72 10.43 21.08 12.85
N LEU B 73 9.96 20.96 11.63
CA LEU B 73 9.34 19.74 11.22
C LEU B 73 10.30 19.04 10.25
N VAL B 74 10.33 17.73 10.32
CA VAL B 74 11.06 16.98 9.31
C VAL B 74 10.10 16.96 8.10
N GLN B 75 10.39 17.87 7.18
CA GLN B 75 9.55 18.16 6.04
C GLN B 75 9.51 17.07 4.98
N LEU B 76 8.38 16.98 4.30
CA LEU B 76 8.20 16.01 3.25
C LEU B 76 8.47 16.69 1.95
N TYR B 77 9.36 16.09 1.17
CA TYR B 77 9.58 16.52 -0.16
C TYR B 77 8.48 16.16 -1.15
N GLY B 78 7.91 14.97 -0.98
CA GLY B 78 6.95 14.45 -1.92
C GLY B 78 6.75 12.95 -1.84
N VAL B 79 6.08 12.43 -2.85
CA VAL B 79 5.69 11.02 -2.87
C VAL B 79 5.83 10.45 -4.29
N CYS B 80 5.98 9.13 -4.35
CA CYS B 80 5.94 8.40 -5.60
C CYS B 80 4.77 7.42 -5.51
N THR B 81 3.71 7.69 -6.28
CA THR B 81 2.53 6.88 -6.24
C THR B 81 2.11 6.23 -7.53
N LYS B 82 2.93 6.33 -8.56
CA LYS B 82 2.56 5.73 -9.84
C LYS B 82 3.07 4.29 -9.91
N GLN B 83 3.30 3.74 -8.74
CA GLN B 83 4.02 2.52 -8.50
C GLN B 83 3.61 1.92 -7.13
N ARG B 84 4.01 0.68 -6.90
CA ARG B 84 3.96 0.12 -5.56
C ARG B 84 5.28 -0.61 -5.26
N PRO B 85 5.81 -0.47 -4.06
CA PRO B 85 5.23 0.34 -2.98
C PRO B 85 5.33 1.86 -3.22
N ILE B 86 4.44 2.60 -2.56
CA ILE B 86 4.56 4.04 -2.50
C ILE B 86 5.87 4.41 -1.81
N PHE B 87 6.47 5.51 -2.23
CA PHE B 87 7.61 6.13 -1.55
C PHE B 87 7.18 7.43 -0.91
N ILE B 88 7.55 7.60 0.36
CA ILE B 88 7.46 8.90 1.00
C ILE B 88 8.88 9.45 1.16
N ILE B 89 9.13 10.63 0.60
CA ILE B 89 10.47 11.19 0.60
C ILE B 89 10.51 12.41 1.50
N THR B 90 11.46 12.41 2.42
CA THR B 90 11.56 13.46 3.41
C THR B 90 13.00 13.91 3.55
N GLU B 91 13.20 15.00 4.27
CA GLU B 91 14.55 15.43 4.55
C GLU B 91 15.19 14.44 5.51
N TYR B 92 16.51 14.40 5.47
CA TYR B 92 17.34 13.49 6.24
C TYR B 92 17.86 14.19 7.47
N MET B 93 17.70 13.54 8.63
CA MET B 93 18.23 14.02 9.89
C MET B 93 19.43 13.15 10.29
N ALA B 94 20.62 13.71 10.18
CA ALA B 94 21.85 12.94 10.25
C ALA B 94 22.21 12.32 11.59
N ASN B 95 21.71 12.94 12.63
CA ASN B 95 21.97 12.47 13.96
C ASN B 95 20.90 11.50 14.51
N GLY B 96 19.93 11.15 13.69
CA GLY B 96 18.96 10.14 14.06
C GLY B 96 17.97 10.40 15.21
N CYS B 97 17.57 9.31 15.85
CA CYS B 97 16.58 9.27 16.90
C CYS B 97 17.00 10.17 18.04
N LEU B 98 16.06 10.89 18.60
CA LEU B 98 16.35 11.73 19.77
C LEU B 98 16.82 10.95 21.04
N LEU B 99 16.16 9.86 21.37
CA LEU B 99 16.41 9.07 22.58
C LEU B 99 17.82 8.51 22.61
N ASN B 100 18.30 7.99 21.49
CA ASN B 100 19.69 7.54 21.43
C ASN B 100 20.65 8.67 21.61
N TYR B 101 20.31 9.82 21.04
CA TYR B 101 21.11 11.01 21.19
C TYR B 101 21.15 11.46 22.66
N LEU B 102 20.03 11.42 23.34
CA LEU B 102 19.93 11.74 24.76
C LEU B 102 20.60 10.69 25.62
N ARG B 103 20.33 9.44 25.27
CA ARG B 103 20.76 8.25 26.00
C ARG B 103 22.25 8.11 25.86
N GLU B 104 22.82 8.94 24.98
CA GLU B 104 24.22 8.86 24.72
C GLU B 104 24.83 9.60 25.89
N MET B 105 25.31 8.79 26.83
CA MET B 105 25.98 9.24 28.03
C MET B 105 27.37 9.67 27.59
N ARG B 106 27.70 9.32 26.36
CA ARG B 106 28.86 9.88 25.66
C ARG B 106 28.70 11.38 25.42
N HIS B 107 27.45 11.83 25.28
CA HIS B 107 27.18 13.27 25.21
C HIS B 107 26.58 13.79 26.51
N ARG B 108 27.25 14.76 27.16
CA ARG B 108 26.70 15.34 28.39
C ARG B 108 26.34 16.82 28.32
N PHE B 109 25.04 17.06 28.39
CA PHE B 109 24.44 18.37 28.20
C PHE B 109 24.53 19.31 29.41
N GLN B 110 24.37 20.59 29.12
CA GLN B 110 23.87 21.55 30.09
C GLN B 110 22.36 21.37 30.07
N THR B 111 21.67 21.67 31.16
CA THR B 111 20.23 21.56 31.12
C THR B 111 19.64 22.53 30.09
N GLN B 112 20.34 23.61 29.82
CA GLN B 112 19.80 24.60 28.92
C GLN B 112 19.62 23.96 27.54
N GLN B 113 20.49 23.01 27.23
CA GLN B 113 20.31 22.21 26.02
C GLN B 113 19.05 21.37 25.93
N LEU B 114 18.65 20.74 27.01
CA LEU B 114 17.44 20.00 27.08
C LEU B 114 16.23 20.91 26.85
N LEU B 115 16.26 22.08 27.46
CA LEU B 115 15.14 23.03 27.30
C LEU B 115 15.03 23.50 25.86
N GLU B 116 16.17 23.68 25.22
CA GLU B 116 16.17 24.07 23.84
C GLU B 116 15.53 22.98 22.93
N MET B 117 15.78 21.73 23.27
CA MET B 117 15.11 20.60 22.61
C MET B 117 13.58 20.66 22.81
N CYS B 118 13.16 21.00 24.00
CA CYS B 118 11.75 21.15 24.27
C CYS B 118 11.16 22.30 23.47
N LYS B 119 11.90 23.38 23.38
CA LYS B 119 11.48 24.49 22.57
C LYS B 119 11.34 24.15 21.08
N ASP B 120 12.29 23.42 20.57
CA ASP B 120 12.24 23.09 19.18
C ASP B 120 10.94 22.37 18.86
N VAL B 121 10.60 21.36 19.66
CA VAL B 121 9.43 20.55 19.45
C VAL B 121 8.18 21.40 19.65
N CYS B 122 8.19 22.25 20.68
CA CYS B 122 7.04 23.07 20.95
C CYS B 122 6.78 24.03 19.77
N GLU B 123 7.85 24.51 19.19
CA GLU B 123 7.75 25.39 18.04
C GLU B 123 7.14 24.65 16.86
N ALA B 124 7.58 23.42 16.68
CA ALA B 124 6.98 22.59 15.66
C ALA B 124 5.54 22.34 15.90
N MET B 125 5.20 22.06 17.15
CA MET B 125 3.83 21.77 17.52
C MET B 125 2.88 22.98 17.50
N GLU B 126 3.41 24.12 17.88
CA GLU B 126 2.63 25.35 17.83
C GLU B 126 2.25 25.63 16.36
N TYR B 127 3.14 25.32 15.46
CA TYR B 127 2.88 25.52 14.07
C TYR B 127 1.76 24.62 13.62
N LEU B 128 1.81 23.35 14.01
CA LEU B 128 0.77 22.42 13.65
C LEU B 128 -0.54 22.83 14.29
N GLU B 129 -0.44 23.26 15.53
CA GLU B 129 -1.64 23.68 16.20
C GLU B 129 -2.25 24.84 15.42
N SER B 130 -1.41 25.71 14.88
CA SER B 130 -1.88 26.85 14.10
C SER B 130 -2.56 26.47 12.80
N LYS B 131 -2.18 25.33 12.29
CA LYS B 131 -2.73 24.79 11.07
C LYS B 131 -3.84 23.78 11.31
N GLN B 132 -4.25 23.67 12.57
CA GLN B 132 -5.31 22.78 13.02
C GLN B 132 -5.01 21.34 12.63
N PHE B 133 -3.75 20.95 12.71
CA PHE B 133 -3.30 19.61 12.30
C PHE B 133 -2.82 18.83 13.54
N LEU B 134 -3.39 17.66 13.76
CA LEU B 134 -2.98 16.83 14.87
C LEU B 134 -1.75 15.98 14.48
N HIS B 135 -0.74 15.90 15.33
CA HIS B 135 0.30 14.95 15.08
C HIS B 135 -0.18 13.51 15.33
N ARG B 136 -0.81 13.28 16.47
CA ARG B 136 -1.48 12.02 16.87
C ARG B 136 -0.55 10.92 17.42
N ASP B 137 0.74 11.12 17.29
CA ASP B 137 1.76 10.26 17.94
C ASP B 137 3.03 11.02 18.31
N LEU B 138 2.91 12.04 19.15
CA LEU B 138 4.06 12.81 19.57
C LEU B 138 4.78 12.07 20.67
N ALA B 139 6.05 11.79 20.42
CA ALA B 139 6.86 11.06 21.34
C ALA B 139 8.31 11.22 20.95
N ALA B 140 9.19 10.98 21.89
CA ALA B 140 10.61 11.15 21.59
C ALA B 140 11.05 10.24 20.46
N ARG B 141 10.43 9.04 20.39
CA ARG B 141 10.79 8.11 19.31
C ARG B 141 10.50 8.66 17.91
N ASN B 142 9.58 9.61 17.91
CA ASN B 142 9.15 10.27 16.70
C ASN B 142 9.78 11.65 16.52
N CYS B 143 10.92 11.86 17.17
CA CYS B 143 11.71 13.07 17.04
C CYS B 143 13.10 12.68 16.56
N LEU B 144 13.64 13.50 15.66
CA LEU B 144 14.94 13.27 15.06
C LEU B 144 15.81 14.50 15.23
N VAL B 145 17.11 14.32 15.08
CA VAL B 145 18.08 15.35 15.31
C VAL B 145 18.89 15.63 14.04
N ASN B 146 19.08 16.88 13.69
CA ASN B 146 19.97 17.23 12.61
C ASN B 146 21.46 17.32 13.02
N ASP B 147 22.34 17.65 12.09
CA ASP B 147 23.77 17.69 12.40
C ASP B 147 24.22 18.96 13.10
N GLN B 148 23.27 19.83 13.31
CA GLN B 148 23.50 20.95 14.18
C GLN B 148 22.91 20.66 15.57
N GLY B 149 22.36 19.48 15.72
CA GLY B 149 21.81 19.02 16.96
C GLY B 149 20.46 19.61 17.18
N VAL B 150 19.89 20.18 16.14
CA VAL B 150 18.49 20.65 16.29
C VAL B 150 17.48 19.53 16.24
N VAL B 151 16.49 19.54 17.13
CA VAL B 151 15.46 18.51 17.15
C VAL B 151 14.25 18.91 16.30
N LYS B 152 13.82 17.96 15.48
CA LYS B 152 12.65 18.13 14.61
C LYS B 152 11.62 16.99 14.73
N VAL B 153 10.36 17.34 14.52
CA VAL B 153 9.26 16.44 14.67
C VAL B 153 8.92 15.67 13.38
N SER B 154 8.80 14.38 13.52
CA SER B 154 8.62 13.48 12.41
C SER B 154 7.30 12.72 12.43
N ASP B 155 6.78 12.45 11.24
CA ASP B 155 5.68 11.56 11.05
C ASP B 155 4.35 12.00 11.66
N PHE B 156 4.20 13.30 11.65
CA PHE B 156 2.99 13.93 12.08
C PHE B 156 1.83 13.55 11.18
N GLY B 157 0.71 13.19 11.80
CA GLY B 157 -0.52 12.96 11.09
C GLY B 157 -0.56 11.73 10.22
N LEU B 158 0.42 10.88 10.33
CA LEU B 158 0.44 9.66 9.52
C LEU B 158 -0.18 8.47 10.23
N SER B 159 -0.38 8.63 11.51
CA SER B 159 -1.05 7.70 12.37
C SER B 159 -2.47 7.40 11.87
N ARG B 160 -3.09 8.40 11.29
CA ARG B 160 -4.41 8.28 10.72
C ARG B 160 -4.51 7.16 9.70
N TYR B 161 -3.38 6.83 9.12
CA TYR B 161 -3.38 5.94 7.99
C TYR B 161 -2.87 4.52 8.24
N VAL B 162 -2.48 4.22 9.46
CA VAL B 162 -2.07 2.89 9.84
C VAL B 162 -3.25 1.92 9.87
N LEU B 163 -3.12 0.73 9.29
CA LEU B 163 -4.17 -0.23 9.34
C LEU B 163 -4.00 -1.27 10.47
N ASP B 164 -2.89 -1.26 11.16
CA ASP B 164 -2.68 -2.25 12.20
C ASP B 164 -3.66 -2.01 13.38
N ASP B 165 -4.47 -3.01 13.66
CA ASP B 165 -5.50 -2.95 14.70
C ASP B 165 -4.86 -2.75 16.05
N GLU B 166 -3.74 -3.38 16.22
CA GLU B 166 -3.02 -3.25 17.44
C GLU B 166 -2.34 -1.92 17.66
N TYR B 167 -2.12 -1.18 16.60
CA TYR B 167 -1.56 0.14 16.74
C TYR B 167 -2.70 1.17 16.89
N THR B 168 -3.75 0.97 16.11
CA THR B 168 -4.88 1.88 16.08
C THR B 168 -5.78 1.92 17.29
N SER B 169 -6.14 0.75 17.78
CA SER B 169 -6.98 0.63 18.95
C SER B 169 -6.28 0.96 20.26
N SER B 170 -7.01 1.61 21.13
CA SER B 170 -6.43 2.09 22.34
C SER B 170 -6.15 0.94 23.29
N VAL B 171 -6.70 -0.22 22.96
CA VAL B 171 -6.53 -1.46 23.69
C VAL B 171 -5.53 -2.39 23.06
N GLY B 172 -4.84 -1.90 22.05
CA GLY B 172 -3.83 -2.62 21.30
C GLY B 172 -2.39 -2.58 21.79
N SER B 173 -1.62 -3.57 21.36
CA SER B 173 -0.23 -3.73 21.77
C SER B 173 0.74 -2.62 21.41
N LYS B 174 0.45 -1.96 20.29
CA LYS B 174 1.33 -0.98 19.76
C LYS B 174 0.83 0.47 20.01
N PHE B 175 -0.28 0.60 20.69
CA PHE B 175 -0.87 1.92 20.89
C PHE B 175 -0.01 2.75 21.83
N PRO B 176 0.03 4.05 21.63
CA PRO B 176 0.86 4.91 22.48
C PRO B 176 0.18 5.21 23.82
N VAL B 177 -0.04 4.18 24.58
CA VAL B 177 -0.73 4.34 25.86
C VAL B 177 0.00 5.32 26.84
N ARG B 178 1.30 5.24 26.94
CA ARG B 178 2.05 6.04 27.90
C ARG B 178 2.09 7.53 27.57
N TRP B 179 1.68 7.87 26.35
CA TRP B 179 1.61 9.26 25.90
C TRP B 179 0.14 9.77 25.74
N SER B 180 -0.83 9.02 26.23
CA SER B 180 -2.26 9.35 25.99
C SER B 180 -3.00 9.84 27.24
N PRO B 181 -3.81 10.86 27.05
CA PRO B 181 -4.67 11.34 28.13
C PRO B 181 -5.85 10.42 28.40
N PRO B 182 -6.49 10.64 29.54
CA PRO B 182 -7.61 9.86 29.98
C PRO B 182 -8.72 9.82 28.92
N GLU B 183 -9.02 10.95 28.30
CA GLU B 183 -10.07 11.03 27.31
C GLU B 183 -9.78 10.19 26.05
N VAL B 184 -8.51 10.08 25.70
CA VAL B 184 -8.14 9.16 24.63
C VAL B 184 -8.26 7.69 25.06
N LEU B 185 -7.77 7.41 26.26
CA LEU B 185 -7.80 6.04 26.74
C LEU B 185 -9.21 5.55 27.04
N MET B 186 -10.00 6.36 27.72
CA MET B 186 -11.38 6.02 27.96
C MET B 186 -12.34 6.15 26.76
N TYR B 187 -12.21 7.25 26.05
CA TYR B 187 -13.20 7.58 25.04
C TYR B 187 -12.69 7.73 23.60
N SER B 188 -11.41 7.55 23.38
CA SER B 188 -10.81 7.74 22.08
C SER B 188 -11.04 9.14 21.53
N LYS B 189 -11.03 10.11 22.43
CA LYS B 189 -11.17 11.53 22.07
C LYS B 189 -9.87 12.25 21.76
N PHE B 190 -9.49 12.28 20.48
CA PHE B 190 -8.29 12.93 20.07
C PHE B 190 -8.56 14.42 19.80
N SER B 191 -7.63 15.24 20.20
CA SER B 191 -7.74 16.67 20.03
C SER B 191 -6.38 17.29 20.07
N SER B 192 -6.31 18.60 19.93
CA SER B 192 -5.06 19.26 20.06
C SER B 192 -4.52 18.95 21.45
N LYS B 193 -5.45 18.70 22.38
CA LYS B 193 -5.11 18.55 23.79
C LYS B 193 -4.56 17.16 24.17
N SER B 194 -4.81 16.17 23.33
CA SER B 194 -4.09 14.92 23.50
C SER B 194 -2.61 15.09 23.07
N ASP B 195 -2.38 15.87 22.02
CA ASP B 195 -1.05 16.18 21.58
C ASP B 195 -0.30 16.92 22.73
N ILE B 196 -0.99 17.79 23.46
CA ILE B 196 -0.41 18.49 24.61
C ILE B 196 -0.02 17.54 25.74
N TRP B 197 -0.90 16.59 26.01
CA TRP B 197 -0.59 15.64 27.01
C TRP B 197 0.73 14.89 26.63
N ALA B 198 0.79 14.48 25.40
CA ALA B 198 1.94 13.75 24.92
C ALA B 198 3.21 14.59 25.01
N PHE B 199 3.07 15.86 24.71
CA PHE B 199 4.20 16.73 24.74
C PHE B 199 4.78 16.79 26.14
N GLY B 200 3.93 16.83 27.14
CA GLY B 200 4.42 16.87 28.49
C GLY B 200 5.22 15.62 28.81
N VAL B 201 4.72 14.49 28.33
CA VAL B 201 5.45 13.25 28.49
C VAL B 201 6.78 13.26 27.73
N LEU B 202 6.75 13.87 26.54
N LEU B 202 6.75 13.86 26.54
CA LEU B 202 7.99 14.01 25.77
CA LEU B 202 7.99 14.01 25.77
C LEU B 202 9.04 14.85 26.50
C LEU B 202 9.04 14.86 26.50
N MET B 203 8.60 15.93 27.13
CA MET B 203 9.44 16.76 27.97
C MET B 203 10.07 15.95 29.11
N TRP B 204 9.27 15.05 29.67
CA TRP B 204 9.73 14.14 30.70
C TRP B 204 10.78 13.16 30.15
N GLU B 205 10.48 12.70 28.94
CA GLU B 205 11.46 11.83 28.30
C GLU B 205 12.77 12.55 28.09
N ILE B 206 12.70 13.81 27.68
CA ILE B 206 13.91 14.57 27.50
C ILE B 206 14.73 14.79 28.80
N TYR B 207 14.05 15.21 29.85
CA TYR B 207 14.71 15.54 31.07
C TYR B 207 15.16 14.33 31.91
N SER B 208 14.58 13.18 31.61
CA SER B 208 14.99 11.93 32.19
C SER B 208 16.08 11.28 31.35
N LEU B 209 16.39 11.92 30.25
CA LEU B 209 17.43 11.49 29.31
C LEU B 209 17.07 10.15 28.71
N GLY B 210 15.81 9.97 28.40
CA GLY B 210 15.38 8.76 27.74
C GLY B 210 14.75 7.60 28.47
N LYS B 211 14.34 7.81 29.70
CA LYS B 211 13.60 6.79 30.44
C LYS B 211 12.22 6.57 29.80
N MET B 212 11.70 5.36 29.95
CA MET B 212 10.34 5.08 29.57
C MET B 212 9.38 5.43 30.72
N PRO B 213 8.34 6.14 30.38
CA PRO B 213 7.37 6.57 31.38
C PRO B 213 6.59 5.36 31.91
N TYR B 214 6.33 5.39 33.19
CA TYR B 214 5.55 4.39 33.89
C TYR B 214 6.04 2.96 33.74
N GLU B 215 7.33 2.75 33.59
CA GLU B 215 7.76 1.44 33.12
C GLU B 215 7.61 0.24 34.06
N ARG B 216 7.33 0.51 35.32
CA ARG B 216 6.99 -0.53 36.27
C ARG B 216 5.60 -1.10 35.99
N PHE B 217 4.84 -0.43 35.17
CA PHE B 217 3.52 -0.86 34.86
C PHE B 217 3.42 -1.37 33.42
N THR B 218 2.50 -2.28 33.19
CA THR B 218 2.22 -2.71 31.85
C THR B 218 1.43 -1.64 31.12
N ASN B 219 1.21 -1.83 29.82
CA ASN B 219 0.41 -0.89 29.06
C ASN B 219 -1.03 -0.76 29.63
N SER B 220 -1.67 -1.89 29.91
CA SER B 220 -2.98 -1.87 30.49
C SER B 220 -3.06 -1.35 31.92
N GLU B 221 -2.06 -1.66 32.72
CA GLU B 221 -2.02 -1.11 34.06
C GLU B 221 -1.82 0.42 34.01
N THR B 222 -0.98 0.88 33.10
CA THR B 222 -0.73 2.32 32.93
C THR B 222 -2.02 3.01 32.54
N ALA B 223 -2.75 2.39 31.66
CA ALA B 223 -3.99 3.01 31.22
C ALA B 223 -4.95 3.16 32.38
N GLU B 224 -5.07 2.11 33.17
CA GLU B 224 -5.97 2.15 34.28
C GLU B 224 -5.56 3.21 35.28
N HIS B 225 -4.28 3.24 35.62
CA HIS B 225 -3.79 4.13 36.67
C HIS B 225 -3.77 5.61 36.32
N ILE B 226 -3.54 5.93 35.06
CA ILE B 226 -3.59 7.31 34.66
C ILE B 226 -5.01 7.84 34.84
N ALA B 227 -5.97 7.01 34.51
CA ALA B 227 -7.37 7.34 34.70
C ALA B 227 -7.67 7.49 36.21
N GLN B 228 -6.84 6.88 37.04
CA GLN B 228 -6.88 7.06 38.49
C GLN B 228 -6.02 8.24 38.92
N GLY B 229 -5.58 9.00 37.97
CA GLY B 229 -4.86 10.18 38.29
C GLY B 229 -3.37 10.02 38.55
N LEU B 230 -2.84 8.88 38.19
CA LEU B 230 -1.38 8.73 38.21
C LEU B 230 -0.71 9.74 37.27
N ARG B 231 0.35 10.38 37.77
CA ARG B 231 1.16 11.32 37.04
C ARG B 231 2.64 11.00 37.30
N LEU B 232 3.46 11.27 36.30
CA LEU B 232 4.89 11.14 36.37
C LEU B 232 5.50 12.13 37.34
N TYR B 233 6.52 11.66 38.04
CA TYR B 233 7.30 12.46 38.95
C TYR B 233 8.31 13.38 38.22
N ARG B 234 8.99 14.23 38.95
CA ARG B 234 9.89 15.20 38.40
C ARG B 234 11.26 14.60 38.18
N PRO B 235 11.70 14.56 36.94
CA PRO B 235 13.02 14.02 36.66
C PRO B 235 14.05 14.82 37.45
N HIS B 236 15.11 14.15 37.87
CA HIS B 236 16.12 14.70 38.73
C HIS B 236 16.76 15.92 38.09
N LEU B 237 17.05 15.86 36.79
CA LEU B 237 17.68 16.97 36.12
C LEU B 237 16.62 17.88 35.56
N ALA B 238 15.51 18.04 36.26
CA ALA B 238 14.45 18.95 35.91
C ALA B 238 14.03 19.90 37.08
N SER B 239 14.09 21.21 36.83
CA SER B 239 13.69 22.18 37.84
C SER B 239 12.18 22.19 38.05
N GLU B 240 11.78 22.71 39.19
CA GLU B 240 10.38 22.82 39.48
C GLU B 240 9.67 23.68 38.46
N LYS B 241 10.35 24.70 37.98
CA LYS B 241 9.81 25.56 36.97
C LYS B 241 9.52 24.75 35.71
N VAL B 242 10.49 23.95 35.32
CA VAL B 242 10.33 23.04 34.18
C VAL B 242 9.28 21.97 34.45
N TYR B 243 9.30 21.40 35.64
CA TYR B 243 8.37 20.35 36.00
C TYR B 243 6.96 20.90 35.93
N THR B 244 6.80 22.15 36.30
CA THR B 244 5.50 22.76 36.31
C THR B 244 4.94 22.80 34.89
N ILE B 245 5.77 23.14 33.91
CA ILE B 245 5.32 23.17 32.52
C ILE B 245 4.83 21.82 31.99
N MET B 246 5.62 20.78 32.19
CA MET B 246 5.21 19.47 31.71
C MET B 246 3.94 19.01 32.43
N TYR B 247 3.87 19.28 33.72
CA TYR B 247 2.78 18.86 34.55
C TYR B 247 1.44 19.50 34.15
N SER B 248 1.57 20.72 33.67
CA SER B 248 0.42 21.45 33.20
C SER B 248 -0.24 20.77 32.00
N CYS B 249 0.52 19.93 31.32
CA CYS B 249 0.05 19.23 30.12
C CYS B 249 -0.91 18.11 30.47
N TRP B 250 -0.94 17.78 31.75
CA TRP B 250 -1.61 16.59 32.23
C TRP B 250 -2.87 16.82 33.07
N HIS B 251 -3.46 17.99 32.96
CA HIS B 251 -4.68 18.23 33.70
C HIS B 251 -5.70 17.22 33.22
N GLU B 252 -6.49 16.70 34.14
CA GLU B 252 -7.49 15.71 33.82
C GLU B 252 -8.48 16.31 32.81
N LYS B 253 -8.78 17.59 32.96
CA LYS B 253 -9.67 18.24 32.02
C LYS B 253 -8.90 18.77 30.84
N ALA B 254 -9.28 18.36 29.64
CA ALA B 254 -8.58 18.76 28.44
C ALA B 254 -8.59 20.27 28.26
N ASP B 255 -9.72 20.89 28.59
CA ASP B 255 -9.87 22.32 28.44
CA ASP B 255 -9.87 22.30 28.40
C ASP B 255 -8.90 23.05 29.26
N GLU B 256 -8.46 22.52 30.38
CA GLU B 256 -7.57 23.22 31.29
C GLU B 256 -6.09 23.05 30.97
N ARG B 257 -5.78 22.19 30.02
CA ARG B 257 -4.43 22.08 29.53
C ARG B 257 -4.10 23.30 28.66
N PRO B 258 -2.85 23.71 28.67
CA PRO B 258 -2.44 24.86 27.89
C PRO B 258 -2.47 24.55 26.39
N THR B 259 -2.45 25.58 25.57
CA THR B 259 -2.15 25.45 24.17
C THR B 259 -0.66 25.39 23.96
N PHE B 260 -0.23 25.03 22.75
CA PHE B 260 1.16 25.03 22.44
C PHE B 260 1.72 26.49 22.44
N LYS B 261 0.85 27.41 22.05
CA LYS B 261 1.29 28.80 22.10
C LYS B 261 1.60 29.25 23.54
N ILE B 262 0.74 28.86 24.47
CA ILE B 262 0.98 29.19 25.87
C ILE B 262 2.28 28.52 26.35
N LEU B 263 2.44 27.25 25.97
CA LEU B 263 3.60 26.49 26.35
C LEU B 263 4.90 27.10 25.85
N LEU B 264 4.88 27.57 24.61
CA LEU B 264 6.06 28.17 24.03
C LEU B 264 6.45 29.43 24.82
N SER B 265 5.46 30.23 25.17
N SER B 265 5.47 30.24 25.17
CA SER B 265 5.66 31.43 25.99
CA SER B 265 5.68 31.42 25.99
C SER B 265 6.24 31.09 27.36
C SER B 265 6.27 31.08 27.35
N ASN B 266 5.81 29.97 27.94
CA ASN B 266 6.30 29.53 29.24
C ASN B 266 7.76 29.09 29.15
N ILE B 267 8.05 28.32 28.12
CA ILE B 267 9.41 27.85 27.90
C ILE B 267 10.38 29.02 27.66
N LEU B 268 9.98 29.98 26.85
CA LEU B 268 10.81 31.16 26.65
C LEU B 268 11.01 31.92 27.97
N ASP B 269 9.95 32.05 28.76
CA ASP B 269 10.09 32.70 30.06
C ASP B 269 11.06 32.00 30.96
N VAL B 270 11.08 30.69 31.00
CA VAL B 270 12.07 30.00 31.84
C VAL B 270 13.48 30.24 31.36
N MET B 271 13.63 30.19 30.04
CA MET B 271 14.92 30.39 29.45
C MET B 271 15.42 31.78 29.82
N ASP B 272 14.55 32.76 29.68
CA ASP B 272 14.89 34.13 29.95
C ASP B 272 14.89 34.50 31.45
N GLU B 273 14.23 33.73 32.28
CA GLU B 273 14.35 33.94 33.70
C GLU B 273 15.73 33.60 34.12
N GLU B 274 16.21 32.46 33.68
CA GLU B 274 17.43 32.08 34.32
C GLU B 274 18.07 31.02 33.50
N GLU C 12 -2.30 -15.74 -39.45
CA GLU C 12 -2.87 -14.59 -40.13
C GLU C 12 -4.42 -14.55 -40.11
N ILE C 13 -5.00 -13.70 -39.26
CA ILE C 13 -6.41 -13.67 -39.01
C ILE C 13 -7.10 -12.49 -39.72
N ASP C 14 -8.05 -12.76 -40.60
CA ASP C 14 -8.82 -11.70 -41.27
C ASP C 14 -9.72 -11.14 -40.17
N PRO C 15 -10.06 -9.88 -40.21
CA PRO C 15 -10.91 -9.33 -39.15
C PRO C 15 -12.43 -9.50 -39.33
N LYS C 16 -12.84 -10.24 -40.34
CA LYS C 16 -14.22 -10.64 -40.49
C LYS C 16 -14.61 -11.46 -39.29
N ASP C 17 -13.70 -12.36 -38.93
CA ASP C 17 -13.88 -13.22 -37.79
C ASP C 17 -13.83 -12.44 -36.51
N LEU C 18 -13.24 -11.29 -36.57
CA LEU C 18 -12.92 -10.59 -35.34
C LEU C 18 -13.97 -9.60 -34.92
N THR C 19 -14.60 -9.91 -33.78
CA THR C 19 -15.51 -9.03 -33.07
C THR C 19 -14.79 -8.56 -31.83
N PHE C 20 -14.99 -7.31 -31.46
CA PHE C 20 -14.40 -6.79 -30.24
C PHE C 20 -15.47 -6.64 -29.15
N LEU C 21 -15.30 -7.29 -28.01
CA LEU C 21 -16.35 -7.22 -27.00
C LEU C 21 -15.93 -6.36 -25.81
N LYS C 22 -15.10 -6.90 -24.93
CA LYS C 22 -14.64 -6.18 -23.71
C LYS C 22 -13.12 -6.10 -23.68
N GLU C 23 -12.57 -4.98 -23.22
CA GLU C 23 -11.13 -4.82 -23.04
C GLU C 23 -10.47 -5.41 -21.77
N LEU C 24 -9.46 -6.25 -21.97
CA LEU C 24 -8.73 -6.88 -20.86
C LEU C 24 -7.82 -6.03 -19.98
N GLY C 25 -7.07 -5.15 -20.62
CA GLY C 25 -6.19 -4.18 -19.98
C GLY C 25 -5.41 -3.45 -21.05
N THR C 26 -4.56 -2.51 -20.65
CA THR C 26 -3.59 -1.94 -21.57
C THR C 26 -2.19 -2.40 -21.15
N GLY C 27 -1.57 -3.24 -21.97
CA GLY C 27 -0.27 -3.86 -21.68
C GLY C 27 0.96 -3.13 -22.16
N GLN C 28 2.10 -3.80 -22.13
CA GLN C 28 3.37 -3.24 -22.56
C GLN C 28 3.30 -2.83 -24.03
N PHE C 29 2.49 -3.54 -24.81
CA PHE C 29 2.24 -3.20 -26.19
C PHE C 29 0.90 -2.46 -26.37
N GLY C 30 0.42 -1.85 -25.29
CA GLY C 30 -0.81 -1.11 -25.37
C GLY C 30 -2.00 -2.00 -25.12
N VAL C 31 -3.14 -1.57 -25.64
CA VAL C 31 -4.44 -2.20 -25.38
C VAL C 31 -4.65 -3.63 -25.88
N VAL C 32 -5.24 -4.44 -25.01
CA VAL C 32 -5.60 -5.83 -25.32
C VAL C 32 -7.12 -5.99 -25.14
N LYS C 33 -7.76 -6.77 -26.03
CA LYS C 33 -9.21 -6.90 -26.06
C LYS C 33 -9.69 -8.33 -26.15
N TYR C 34 -10.91 -8.60 -25.73
CA TYR C 34 -11.43 -9.94 -25.85
C TYR C 34 -12.73 -9.93 -26.63
N GLY C 35 -12.91 -10.95 -27.46
CA GLY C 35 -14.02 -11.06 -28.38
C GLY C 35 -14.14 -12.48 -28.85
N LYS C 36 -14.82 -12.69 -29.97
CA LYS C 36 -14.85 -14.00 -30.59
C LYS C 36 -14.23 -13.96 -31.99
N TRP C 37 -13.37 -14.93 -32.29
CA TRP C 37 -12.81 -15.06 -33.64
C TRP C 37 -13.47 -16.26 -34.29
N ARG C 38 -14.11 -16.02 -35.42
CA ARG C 38 -14.89 -17.05 -36.13
C ARG C 38 -16.27 -17.26 -35.51
N GLY C 39 -16.67 -16.37 -34.61
CA GLY C 39 -17.96 -16.48 -33.98
C GLY C 39 -18.00 -17.80 -33.27
N GLN C 40 -16.82 -18.29 -32.93
CA GLN C 40 -16.66 -19.66 -32.48
C GLN C 40 -15.63 -19.82 -31.37
N TYR C 41 -14.38 -19.48 -31.68
CA TYR C 41 -13.29 -19.71 -30.74
C TYR C 41 -12.88 -18.43 -30.04
N ASP C 42 -13.07 -18.44 -28.72
CA ASP C 42 -12.85 -17.29 -27.86
C ASP C 42 -11.40 -16.87 -27.87
N VAL C 43 -11.20 -15.56 -27.90
CA VAL C 43 -9.88 -15.02 -28.05
C VAL C 43 -9.62 -13.81 -27.19
N ALA C 44 -8.34 -13.58 -26.95
CA ALA C 44 -7.85 -12.31 -26.57
C ALA C 44 -7.18 -11.63 -27.75
N ILE C 45 -7.25 -10.30 -27.75
CA ILE C 45 -6.85 -9.53 -28.92
C ILE C 45 -5.90 -8.37 -28.64
N LYS C 46 -4.62 -8.58 -28.97
CA LYS C 46 -3.60 -7.57 -28.72
C LYS C 46 -3.65 -6.59 -29.88
N MET C 47 -3.67 -5.32 -29.56
CA MET C 47 -3.83 -4.32 -30.60
C MET C 47 -2.64 -3.45 -30.51
N ILE C 48 -1.57 -3.84 -31.16
CA ILE C 48 -0.26 -3.37 -30.81
C ILE C 48 -0.14 -1.84 -31.00
N LYS C 49 0.22 -1.10 -29.94
CA LYS C 49 0.32 0.37 -30.02
C LYS C 49 1.54 0.75 -30.83
N GLU C 50 1.41 1.79 -31.63
CA GLU C 50 2.37 2.11 -32.63
C GLU C 50 3.65 2.75 -32.09
N GLY C 51 4.75 2.13 -32.42
CA GLY C 51 6.03 2.50 -31.87
C GLY C 51 6.47 1.72 -30.65
N SER C 52 5.59 0.93 -30.09
CA SER C 52 5.95 0.03 -28.99
C SER C 52 6.81 -1.17 -29.39
N MET C 53 6.52 -1.73 -30.54
CA MET C 53 7.10 -2.99 -30.93
C MET C 53 7.97 -2.84 -32.20
N SER C 54 9.02 -3.65 -32.26
CA SER C 54 9.80 -3.84 -33.43
C SER C 54 9.08 -4.92 -34.25
N GLU C 55 8.08 -4.45 -34.99
CA GLU C 55 7.25 -5.26 -35.88
C GLU C 55 8.01 -5.86 -37.05
N ASP C 56 8.99 -5.11 -37.55
CA ASP C 56 9.86 -5.57 -38.62
C ASP C 56 10.64 -6.82 -38.20
N GLU C 57 11.07 -6.85 -36.96
CA GLU C 57 11.66 -8.01 -36.29
C GLU C 57 10.67 -9.13 -35.98
N PHE C 58 9.53 -8.76 -35.43
CA PHE C 58 8.47 -9.64 -35.03
C PHE C 58 7.84 -10.44 -36.18
N ILE C 59 7.70 -9.85 -37.36
CA ILE C 59 7.02 -10.54 -38.46
C ILE C 59 7.64 -11.81 -39.00
N GLU C 60 8.95 -11.81 -39.16
CA GLU C 60 9.69 -12.98 -39.60
C GLU C 60 9.80 -14.10 -38.56
N GLU C 61 9.87 -13.69 -37.29
CA GLU C 61 9.87 -14.61 -36.16
C GLU C 61 8.55 -15.35 -36.13
N ALA C 62 7.50 -14.64 -36.45
CA ALA C 62 6.17 -14.97 -36.02
C ALA C 62 5.80 -16.36 -36.43
N LYS C 63 6.40 -16.83 -37.50
CA LYS C 63 6.23 -18.22 -37.85
C LYS C 63 6.72 -19.12 -36.71
N VAL C 64 7.87 -18.83 -36.13
CA VAL C 64 8.41 -19.67 -35.06
C VAL C 64 7.47 -19.68 -33.88
N MET C 65 6.98 -18.49 -33.55
CA MET C 65 6.04 -18.33 -32.46
C MET C 65 4.70 -19.01 -32.69
N MET C 66 4.21 -19.06 -33.91
CA MET C 66 2.95 -19.74 -34.23
C MET C 66 3.08 -21.27 -34.19
N ASN C 67 4.31 -21.73 -34.37
CA ASN C 67 4.67 -23.16 -34.38
C ASN C 67 5.13 -23.65 -33.00
N LEU C 68 4.87 -22.84 -31.98
CA LEU C 68 5.00 -23.23 -30.60
C LEU C 68 3.66 -23.63 -30.03
N SER C 69 3.40 -24.92 -30.01
CA SER C 69 2.15 -25.44 -29.56
C SER C 69 2.32 -26.27 -28.27
N HIS C 70 1.60 -25.89 -27.23
CA HIS C 70 1.48 -26.66 -26.01
C HIS C 70 0.19 -26.25 -25.30
N GLU C 71 -0.41 -27.19 -24.57
CA GLU C 71 -1.66 -26.95 -23.83
C GLU C 71 -1.54 -26.07 -22.60
N LYS C 72 -0.32 -25.93 -22.12
CA LYS C 72 0.02 -25.03 -21.02
C LYS C 72 0.62 -23.68 -21.52
N LEU C 73 0.54 -23.45 -22.82
CA LEU C 73 0.87 -22.19 -23.44
C LEU C 73 -0.38 -21.46 -23.88
N VAL C 74 -0.32 -20.16 -23.72
CA VAL C 74 -1.36 -19.33 -24.26
C VAL C 74 -0.99 -19.15 -25.71
N GLN C 75 -1.59 -19.96 -26.53
CA GLN C 75 -1.28 -19.99 -27.93
C GLN C 75 -1.66 -18.69 -28.59
N LEU C 76 -0.94 -18.35 -29.66
CA LEU C 76 -1.19 -17.19 -30.48
C LEU C 76 -1.76 -17.65 -31.80
N TYR C 77 -3.03 -17.38 -31.97
CA TYR C 77 -3.80 -17.82 -33.13
C TYR C 77 -3.30 -17.15 -34.41
N GLY C 78 -2.83 -15.92 -34.29
CA GLY C 78 -2.38 -15.21 -35.47
C GLY C 78 -2.15 -13.72 -35.37
N VAL C 79 -2.16 -13.07 -36.53
CA VAL C 79 -1.79 -11.67 -36.66
C VAL C 79 -2.68 -10.92 -37.64
N CYS C 80 -2.65 -9.61 -37.53
CA CYS C 80 -3.31 -8.76 -38.52
C CYS C 80 -2.26 -7.82 -39.09
N THR C 81 -1.61 -8.22 -40.15
CA THR C 81 -0.45 -7.53 -40.60
C THR C 81 -0.65 -6.43 -41.61
N LYS C 82 -1.88 -6.22 -41.98
CA LYS C 82 -2.29 -5.37 -43.07
C LYS C 82 -2.88 -4.12 -42.46
N GLN C 83 -2.42 -3.87 -41.24
CA GLN C 83 -2.79 -2.73 -40.41
C GLN C 83 -1.72 -2.18 -39.46
N ARG C 84 -1.70 -0.86 -39.33
CA ARG C 84 -0.90 -0.15 -38.33
C ARG C 84 -1.89 0.65 -37.43
N PRO C 85 -2.25 0.16 -36.23
CA PRO C 85 -1.62 -1.02 -35.61
C PRO C 85 -1.84 -2.35 -36.27
N ILE C 86 -0.89 -3.21 -35.95
CA ILE C 86 -0.97 -4.66 -36.04
C ILE C 86 -1.83 -5.21 -34.92
N PHE C 87 -2.54 -6.29 -35.19
CA PHE C 87 -3.29 -7.01 -34.19
C PHE C 87 -2.69 -8.38 -33.88
N ILE C 88 -2.44 -8.68 -32.63
CA ILE C 88 -1.95 -9.99 -32.29
C ILE C 88 -3.08 -10.72 -31.58
N ILE C 89 -3.44 -11.89 -32.07
CA ILE C 89 -4.59 -12.58 -31.59
C ILE C 89 -4.15 -13.83 -30.82
N THR C 90 -4.62 -13.94 -29.59
CA THR C 90 -4.34 -15.08 -28.77
C THR C 90 -5.56 -15.71 -28.17
N GLU C 91 -5.38 -16.95 -27.73
CA GLU C 91 -6.42 -17.61 -27.03
C GLU C 91 -6.70 -16.86 -25.76
N TYR C 92 -7.84 -17.17 -25.16
CA TYR C 92 -8.31 -16.47 -23.99
C TYR C 92 -8.19 -17.24 -22.68
N MET C 93 -7.91 -16.49 -21.64
CA MET C 93 -7.90 -17.01 -20.30
C MET C 93 -8.85 -16.15 -19.45
N ALA C 94 -10.04 -16.65 -19.18
CA ALA C 94 -11.13 -15.87 -18.65
C ALA C 94 -11.00 -15.57 -17.15
N ASN C 95 -10.06 -16.25 -16.51
CA ASN C 95 -9.84 -16.12 -15.06
C ASN C 95 -8.71 -15.17 -14.75
N GLY C 96 -8.11 -14.59 -15.79
CA GLY C 96 -7.16 -13.47 -15.66
C GLY C 96 -5.85 -13.76 -14.93
N CYS C 97 -5.30 -12.72 -14.34
CA CYS C 97 -3.94 -12.71 -13.83
C CYS C 97 -3.70 -13.78 -12.81
N LEU C 98 -2.54 -14.42 -12.88
CA LEU C 98 -2.11 -15.34 -11.86
C LEU C 98 -1.94 -14.68 -10.53
N LEU C 99 -1.33 -13.52 -10.54
CA LEU C 99 -1.11 -12.73 -9.34
C LEU C 99 -2.42 -12.32 -8.71
N ASN C 100 -3.32 -11.78 -9.51
CA ASN C 100 -4.61 -11.32 -8.98
C ASN C 100 -5.33 -12.49 -8.37
N TYR C 101 -5.28 -13.63 -9.07
CA TYR C 101 -5.85 -14.89 -8.62
C TYR C 101 -5.17 -15.41 -7.39
N LEU C 102 -3.84 -15.38 -7.36
CA LEU C 102 -3.16 -15.93 -6.20
C LEU C 102 -3.55 -15.19 -4.93
N ARG C 103 -3.61 -13.87 -5.01
CA ARG C 103 -3.85 -13.06 -3.84
C ARG C 103 -5.19 -13.36 -3.16
N GLU C 104 -6.25 -13.58 -3.94
CA GLU C 104 -7.56 -13.71 -3.33
C GLU C 104 -7.66 -14.98 -2.48
N MET C 105 -8.02 -14.83 -1.20
CA MET C 105 -8.02 -15.93 -0.22
C MET C 105 -9.37 -16.63 -0.25
N ARG C 106 -10.24 -16.20 -1.16
CA ARG C 106 -11.61 -16.68 -1.19
C ARG C 106 -11.57 -18.17 -1.40
N HIS C 107 -10.70 -18.63 -2.29
CA HIS C 107 -10.45 -20.05 -2.41
C HIS C 107 -9.88 -20.54 -1.10
N ARG C 108 -8.99 -19.73 -0.51
CA ARG C 108 -8.12 -20.26 0.53
C ARG C 108 -7.40 -21.44 -0.08
N PHE C 109 -6.57 -21.18 -1.09
CA PHE C 109 -6.02 -22.18 -1.99
C PHE C 109 -5.33 -23.31 -1.24
N GLN C 110 -5.59 -24.53 -1.68
CA GLN C 110 -4.95 -25.72 -1.15
C GLN C 110 -3.50 -25.86 -1.63
N THR C 111 -2.65 -26.50 -0.84
CA THR C 111 -1.27 -26.67 -1.27
C THR C 111 -1.20 -27.53 -2.51
N GLN C 112 -2.09 -28.47 -2.60
CA GLN C 112 -2.13 -29.38 -3.73
C GLN C 112 -2.32 -28.49 -4.97
N GLN C 113 -3.15 -27.47 -4.83
CA GLN C 113 -3.48 -26.59 -5.93
C GLN C 113 -2.29 -25.79 -6.44
N LEU C 114 -1.51 -25.27 -5.52
CA LEU C 114 -0.41 -24.45 -5.88
C LEU C 114 0.62 -25.28 -6.61
N LEU C 115 0.77 -26.52 -6.19
CA LEU C 115 1.74 -27.41 -6.82
C LEU C 115 1.44 -27.81 -8.27
N GLU C 116 0.15 -28.05 -8.53
CA GLU C 116 -0.34 -28.30 -9.88
C GLU C 116 -0.09 -27.04 -10.70
N MET C 117 -0.27 -25.89 -10.06
CA MET C 117 0.01 -24.62 -10.70
C MET C 117 1.47 -24.47 -11.10
N CYS C 118 2.36 -24.93 -10.27
CA CYS C 118 3.75 -25.00 -10.70
C CYS C 118 4.02 -26.01 -11.82
N LYS C 119 3.36 -27.15 -11.74
CA LYS C 119 3.41 -28.16 -12.76
C LYS C 119 2.85 -27.70 -14.07
N ASP C 120 1.76 -26.97 -14.03
CA ASP C 120 1.17 -26.44 -15.22
C ASP C 120 2.25 -25.64 -15.92
N VAL C 121 2.94 -24.81 -15.18
CA VAL C 121 3.98 -23.98 -15.80
C VAL C 121 5.18 -24.79 -16.27
N CYS C 122 5.64 -25.72 -15.44
CA CYS C 122 6.90 -26.40 -15.74
C CYS C 122 6.75 -27.13 -17.03
N GLU C 123 5.51 -27.54 -17.27
CA GLU C 123 5.13 -28.28 -18.44
C GLU C 123 5.42 -27.44 -19.68
N ALA C 124 4.96 -26.20 -19.63
CA ALA C 124 5.11 -25.23 -20.69
C ALA C 124 6.55 -24.85 -20.98
N MET C 125 7.30 -24.68 -19.89
CA MET C 125 8.69 -24.36 -19.89
C MET C 125 9.56 -25.51 -20.35
N GLU C 126 9.17 -26.72 -20.02
CA GLU C 126 9.83 -27.89 -20.54
C GLU C 126 9.68 -27.91 -22.05
N TYR C 127 8.48 -27.60 -22.54
CA TYR C 127 8.28 -27.60 -23.99
C TYR C 127 9.11 -26.54 -24.69
N LEU C 128 9.08 -25.34 -24.11
CA LEU C 128 9.85 -24.23 -24.61
C LEU C 128 11.35 -24.51 -24.59
N GLU C 129 11.77 -25.19 -23.54
CA GLU C 129 13.14 -25.58 -23.39
C GLU C 129 13.60 -26.53 -24.53
N SER C 130 12.77 -27.51 -24.83
CA SER C 130 13.04 -28.42 -25.94
C SER C 130 12.92 -27.78 -27.32
N LYS C 131 12.14 -26.69 -27.39
CA LYS C 131 12.11 -25.87 -28.57
C LYS C 131 13.26 -24.84 -28.61
N GLN C 132 14.09 -24.86 -27.59
CA GLN C 132 15.19 -23.92 -27.47
C GLN C 132 14.67 -22.51 -27.53
N PHE C 133 13.52 -22.33 -26.90
CA PHE C 133 12.86 -21.07 -26.87
C PHE C 133 12.84 -20.45 -25.47
N LEU C 134 13.29 -19.22 -25.38
CA LEU C 134 13.34 -18.51 -24.09
C LEU C 134 12.18 -17.51 -23.88
N HIS C 135 11.66 -17.52 -22.68
CA HIS C 135 10.67 -16.54 -22.30
C HIS C 135 11.23 -15.12 -22.16
N ARG C 136 12.35 -15.05 -21.46
CA ARG C 136 13.14 -13.85 -21.31
C ARG C 136 12.55 -12.95 -20.23
N ASP C 137 11.36 -13.31 -19.79
CA ASP C 137 10.64 -12.56 -18.77
C ASP C 137 9.61 -13.47 -18.14
N LEU C 138 10.04 -14.50 -17.42
CA LEU C 138 9.06 -15.40 -16.83
C LEU C 138 8.65 -14.99 -15.43
N ALA C 139 7.43 -14.51 -15.30
CA ALA C 139 6.90 -14.07 -14.02
C ALA C 139 5.44 -14.49 -13.87
N ALA C 140 4.90 -14.33 -12.67
CA ALA C 140 3.52 -14.65 -12.38
C ALA C 140 2.56 -13.77 -13.20
N ARG C 141 2.95 -12.51 -13.36
CA ARG C 141 2.14 -11.53 -14.05
C ARG C 141 1.98 -11.87 -15.52
N ASN C 142 2.94 -12.63 -16.04
CA ASN C 142 2.96 -13.08 -17.40
C ASN C 142 2.41 -14.50 -17.48
N CYS C 143 1.76 -14.94 -16.41
CA CYS C 143 0.94 -16.15 -16.44
C CYS C 143 -0.56 -15.80 -16.27
N LEU C 144 -1.41 -16.51 -17.00
CA LEU C 144 -2.86 -16.27 -17.05
C LEU C 144 -3.78 -17.50 -16.92
N VAL C 145 -4.74 -17.45 -16.04
CA VAL C 145 -5.53 -18.63 -15.66
C VAL C 145 -6.87 -18.73 -16.41
N ASN C 146 -7.20 -19.92 -16.81
CA ASN C 146 -8.37 -20.17 -17.61
C ASN C 146 -9.57 -20.77 -16.85
N ASP C 147 -10.68 -20.98 -17.56
CA ASP C 147 -11.97 -21.40 -17.01
C ASP C 147 -11.84 -22.80 -16.40
N GLN C 148 -10.72 -23.44 -16.68
CA GLN C 148 -10.45 -24.77 -16.17
C GLN C 148 -9.53 -24.73 -14.95
N GLY C 149 -9.25 -23.53 -14.50
CA GLY C 149 -8.46 -23.35 -13.32
C GLY C 149 -7.03 -23.70 -13.67
N VAL C 150 -6.71 -23.67 -14.96
CA VAL C 150 -5.40 -24.10 -15.46
C VAL C 150 -4.58 -22.91 -15.84
N VAL C 151 -3.34 -22.89 -15.42
CA VAL C 151 -2.53 -21.74 -15.60
C VAL C 151 -1.62 -21.94 -16.80
N LYS C 152 -1.44 -20.87 -17.57
CA LYS C 152 -0.61 -20.90 -18.73
C LYS C 152 0.37 -19.73 -18.86
N VAL C 153 1.40 -19.96 -19.66
CA VAL C 153 2.47 -19.02 -19.87
C VAL C 153 2.22 -18.13 -21.09
N SER C 154 2.40 -16.84 -20.90
CA SER C 154 2.10 -15.88 -21.93
C SER C 154 3.25 -14.94 -22.27
N ASP C 155 3.18 -14.39 -23.47
CA ASP C 155 4.10 -13.36 -23.88
C ASP C 155 5.55 -13.84 -23.98
N PHE C 156 5.74 -15.12 -24.24
CA PHE C 156 7.07 -15.73 -24.30
C PHE C 156 7.90 -15.28 -25.50
N GLY C 157 9.12 -14.85 -25.29
CA GLY C 157 9.96 -14.37 -26.36
C GLY C 157 9.52 -13.12 -27.11
N LEU C 158 8.58 -12.39 -26.58
CA LEU C 158 8.09 -11.19 -27.22
C LEU C 158 8.78 -9.97 -26.64
N SER C 159 9.55 -10.19 -25.58
CA SER C 159 10.35 -9.14 -24.99
C SER C 159 11.44 -8.60 -25.92
N ARG C 160 11.86 -9.42 -26.84
CA ARG C 160 12.94 -9.13 -27.74
C ARG C 160 12.62 -7.93 -28.62
N TYR C 161 11.35 -7.69 -28.79
CA TYR C 161 10.79 -6.67 -29.68
C TYR C 161 10.22 -5.45 -28.97
N VAL C 162 10.54 -5.32 -27.69
CA VAL C 162 10.01 -4.19 -26.96
C VAL C 162 10.87 -2.99 -27.22
N LEU C 163 10.27 -1.91 -27.62
CA LEU C 163 11.06 -0.74 -27.79
C LEU C 163 10.70 0.20 -26.66
N ASP C 164 11.42 0.08 -25.57
CA ASP C 164 11.22 0.96 -24.43
C ASP C 164 12.45 0.87 -23.53
N ASP C 165 13.24 1.93 -23.47
CA ASP C 165 14.54 1.92 -22.85
C ASP C 165 14.52 1.62 -21.36
N GLU C 166 13.42 1.92 -20.71
CA GLU C 166 13.22 1.48 -19.34
C GLU C 166 13.05 -0.04 -19.21
N TYR C 167 12.37 -0.68 -20.16
CA TYR C 167 12.27 -2.13 -20.15
C TYR C 167 13.52 -2.90 -20.54
N THR C 168 14.11 -2.48 -21.65
CA THR C 168 15.14 -3.20 -22.35
C THR C 168 16.44 -3.25 -21.58
N SER C 169 16.75 -2.14 -20.94
CA SER C 169 18.01 -1.88 -20.25
CA SER C 169 18.10 -1.84 -20.26
C SER C 169 18.01 -2.45 -18.82
N SER C 170 19.13 -3.00 -18.45
CA SER C 170 19.27 -3.67 -17.16
C SER C 170 19.09 -2.77 -15.96
N VAL C 171 19.27 -1.45 -16.12
CA VAL C 171 18.95 -0.45 -15.09
C VAL C 171 17.69 0.46 -15.34
N GLY C 172 16.85 0.07 -16.30
CA GLY C 172 15.57 0.70 -16.60
C GLY C 172 14.48 0.38 -15.59
N SER C 173 13.46 1.21 -15.56
CA SER C 173 12.43 1.14 -14.53
C SER C 173 11.56 -0.09 -14.66
N LYS C 174 11.60 -0.68 -15.83
CA LYS C 174 10.70 -1.75 -16.18
C LYS C 174 11.37 -3.11 -16.30
N PHE C 175 12.66 -3.21 -16.02
CA PHE C 175 13.42 -4.43 -16.24
C PHE C 175 13.25 -5.39 -15.08
N PRO C 176 12.99 -6.66 -15.34
CA PRO C 176 12.56 -7.58 -14.28
C PRO C 176 13.72 -8.02 -13.41
N VAL C 177 14.24 -7.06 -12.68
CA VAL C 177 15.40 -7.34 -11.89
C VAL C 177 15.19 -8.50 -10.91
N ARG C 178 14.06 -8.52 -10.25
CA ARG C 178 13.79 -9.53 -9.23
C ARG C 178 13.61 -10.97 -9.75
N TRP C 179 13.51 -11.14 -11.05
CA TRP C 179 13.49 -12.48 -11.66
C TRP C 179 14.79 -12.88 -12.43
N SER C 180 15.81 -12.06 -12.30
CA SER C 180 17.01 -12.22 -13.09
C SER C 180 18.09 -12.87 -12.32
N PRO C 181 18.73 -13.85 -12.94
CA PRO C 181 19.86 -14.52 -12.31
C PRO C 181 21.13 -13.64 -12.28
N PRO C 182 22.11 -14.15 -11.58
CA PRO C 182 23.35 -13.45 -11.39
C PRO C 182 23.96 -12.93 -12.67
N GLU C 183 23.97 -13.77 -13.69
CA GLU C 183 24.55 -13.51 -15.00
C GLU C 183 23.83 -12.47 -15.90
N VAL C 184 22.50 -12.49 -15.90
CA VAL C 184 21.76 -11.50 -16.68
C VAL C 184 22.00 -10.11 -16.13
N LEU C 185 21.91 -10.03 -14.81
CA LEU C 185 22.05 -8.79 -14.11
C LEU C 185 23.45 -8.23 -14.38
N MET C 186 24.43 -9.12 -14.50
CA MET C 186 25.77 -8.65 -14.73
C MET C 186 26.17 -8.61 -16.18
N TYR C 187 25.94 -9.69 -16.86
CA TYR C 187 26.49 -9.81 -18.20
C TYR C 187 25.43 -9.87 -19.31
N SER C 188 24.18 -9.63 -18.97
CA SER C 188 23.11 -9.62 -19.92
C SER C 188 23.11 -10.91 -20.72
N LYS C 189 23.49 -11.99 -20.06
CA LYS C 189 23.59 -13.28 -20.67
C LYS C 189 22.36 -14.10 -20.36
N PHE C 190 21.44 -14.10 -21.33
CA PHE C 190 20.23 -14.86 -21.31
C PHE C 190 20.47 -16.23 -21.94
N SER C 191 20.06 -17.27 -21.21
CA SER C 191 20.15 -18.67 -21.61
C SER C 191 18.92 -19.43 -21.18
N SER C 192 18.88 -20.73 -21.41
CA SER C 192 17.85 -21.61 -20.85
C SER C 192 17.81 -21.60 -19.30
N LYS C 193 18.98 -21.49 -18.72
CA LYS C 193 19.21 -21.37 -17.30
C LYS C 193 18.79 -20.08 -16.62
N SER C 194 18.81 -18.97 -17.37
CA SER C 194 18.17 -17.75 -16.88
C SER C 194 16.67 -17.88 -16.86
N ASP C 195 16.13 -18.72 -17.74
CA ASP C 195 14.73 -19.08 -17.65
C ASP C 195 14.44 -19.90 -16.39
N ILE C 196 15.34 -20.80 -16.07
CA ILE C 196 15.24 -21.58 -14.86
C ILE C 196 15.26 -20.71 -13.64
N TRP C 197 16.09 -19.67 -13.63
CA TRP C 197 16.14 -18.83 -12.45
C TRP C 197 14.79 -18.16 -12.24
N ALA C 198 14.20 -17.64 -13.29
CA ALA C 198 12.89 -17.01 -13.17
C ALA C 198 11.76 -17.94 -12.70
N PHE C 199 11.77 -19.20 -13.15
CA PHE C 199 10.75 -20.16 -12.80
C PHE C 199 10.72 -20.42 -11.29
N GLY C 200 11.91 -20.49 -10.70
CA GLY C 200 11.99 -20.67 -9.27
C GLY C 200 11.37 -19.51 -8.50
N VAL C 201 11.60 -18.30 -8.97
CA VAL C 201 10.96 -17.14 -8.36
C VAL C 201 9.45 -17.15 -8.54
N LEU C 202 8.98 -17.59 -9.71
CA LEU C 202 7.55 -17.74 -9.89
C LEU C 202 7.00 -18.73 -8.86
N MET C 203 7.75 -19.78 -8.61
CA MET C 203 7.34 -20.81 -7.69
C MET C 203 7.18 -20.20 -6.28
N TRP C 204 8.13 -19.36 -5.93
CA TRP C 204 8.06 -18.57 -4.73
C TRP C 204 6.81 -17.66 -4.79
N GLU C 205 6.56 -17.03 -5.94
CA GLU C 205 5.36 -16.17 -6.01
C GLU C 205 4.06 -16.92 -5.75
N ILE C 206 3.97 -18.12 -6.34
CA ILE C 206 2.86 -19.02 -6.14
C ILE C 206 2.72 -19.47 -4.67
N TYR C 207 3.83 -19.84 -4.05
CA TYR C 207 3.81 -20.30 -2.67
C TYR C 207 3.55 -19.20 -1.66
N SER C 208 3.99 -18.01 -1.99
CA SER C 208 3.75 -16.83 -1.18
C SER C 208 2.39 -16.17 -1.51
N LEU C 209 1.65 -16.79 -2.39
CA LEU C 209 0.33 -16.33 -2.71
C LEU C 209 0.35 -14.90 -3.10
N GLY C 210 1.20 -14.58 -4.06
CA GLY C 210 1.17 -13.25 -4.61
C GLY C 210 1.99 -12.15 -3.95
N LYS C 211 2.84 -12.52 -3.01
CA LYS C 211 3.80 -11.64 -2.36
C LYS C 211 4.84 -11.13 -3.35
N MET C 212 5.41 -9.97 -3.08
CA MET C 212 6.43 -9.37 -3.94
C MET C 212 7.82 -9.90 -3.62
N PRO C 213 8.51 -10.47 -4.58
CA PRO C 213 9.86 -10.95 -4.27
C PRO C 213 10.82 -9.85 -3.90
N TYR C 214 11.50 -10.01 -2.79
CA TYR C 214 12.37 -9.02 -2.20
C TYR C 214 11.72 -7.70 -1.83
N GLU C 215 10.51 -7.79 -1.29
CA GLU C 215 9.63 -6.63 -1.21
C GLU C 215 10.19 -5.47 -0.38
N ARG C 216 11.12 -5.76 0.49
CA ARG C 216 11.69 -4.68 1.27
C ARG C 216 13.00 -4.21 0.68
N PHE C 217 13.31 -4.71 -0.51
CA PHE C 217 14.43 -4.23 -1.29
C PHE C 217 13.96 -3.52 -2.54
N THR C 218 14.72 -2.54 -2.97
CA THR C 218 14.50 -1.90 -4.22
C THR C 218 15.17 -2.74 -5.28
N ASN C 219 14.90 -2.39 -6.52
CA ASN C 219 15.52 -3.01 -7.65
C ASN C 219 16.98 -2.85 -7.69
N SER C 220 17.48 -1.69 -7.35
CA SER C 220 18.92 -1.49 -7.28
C SER C 220 19.62 -2.37 -6.27
N GLU C 221 19.04 -2.44 -5.08
CA GLU C 221 19.61 -3.23 -3.98
C GLU C 221 19.50 -4.75 -4.18
N THR C 222 18.45 -5.14 -4.86
CA THR C 222 18.21 -6.50 -5.12
C THR C 222 19.40 -6.99 -5.91
N ALA C 223 19.81 -6.16 -6.87
CA ALA C 223 20.78 -6.51 -7.88
C ALA C 223 22.20 -6.70 -7.42
N GLU C 224 22.53 -6.12 -6.28
CA GLU C 224 23.80 -6.34 -5.62
C GLU C 224 23.84 -7.56 -4.67
N HIS C 225 22.82 -7.69 -3.85
CA HIS C 225 22.70 -8.76 -2.86
C HIS C 225 22.47 -10.09 -3.57
N ILE C 226 22.02 -10.06 -4.82
CA ILE C 226 21.94 -11.31 -5.57
C ILE C 226 23.34 -11.84 -5.82
N ALA C 227 24.23 -10.95 -6.19
CA ALA C 227 25.65 -11.27 -6.27
C ALA C 227 26.23 -11.66 -4.89
N GLN C 228 25.83 -10.96 -3.84
CA GLN C 228 26.35 -11.20 -2.51
C GLN C 228 25.93 -12.58 -1.92
N GLY C 229 24.98 -13.22 -2.57
CA GLY C 229 24.63 -14.59 -2.28
C GLY C 229 23.31 -14.94 -1.63
N LEU C 230 22.62 -13.97 -1.07
CA LEU C 230 21.31 -14.22 -0.51
C LEU C 230 20.10 -14.39 -1.44
N ARG C 231 19.15 -15.14 -0.91
CA ARG C 231 18.06 -15.71 -1.64
C ARG C 231 16.77 -15.48 -0.87
N LEU C 232 15.65 -15.75 -1.51
CA LEU C 232 14.32 -15.56 -0.97
C LEU C 232 14.03 -16.66 0.07
N TYR C 233 12.98 -16.46 0.84
CA TYR C 233 12.55 -17.45 1.81
C TYR C 233 11.84 -18.62 1.20
N ARG C 234 11.53 -19.58 2.07
CA ARG C 234 10.58 -20.61 1.72
C ARG C 234 9.25 -20.12 2.24
N PRO C 235 8.34 -19.85 1.33
CA PRO C 235 7.06 -19.29 1.69
C PRO C 235 6.30 -20.22 2.64
N HIS C 236 5.40 -19.68 3.43
CA HIS C 236 4.70 -20.41 4.47
C HIS C 236 4.09 -21.73 3.98
N LEU C 237 3.60 -21.80 2.75
CA LEU C 237 2.90 -23.01 2.30
C LEU C 237 3.76 -24.05 1.61
N ALA C 238 5.02 -23.77 1.42
CA ALA C 238 5.95 -24.74 0.85
C ALA C 238 6.58 -25.76 1.80
N SER C 239 6.56 -27.00 1.39
CA SER C 239 7.19 -28.02 2.14
C SER C 239 8.70 -27.90 1.94
N GLU C 240 9.46 -28.65 2.72
CA GLU C 240 10.87 -28.60 2.61
C GLU C 240 11.38 -29.07 1.25
N LYS C 241 10.80 -30.14 0.72
CA LYS C 241 11.12 -30.58 -0.63
C LYS C 241 10.73 -29.57 -1.65
N VAL C 242 9.51 -29.04 -1.51
CA VAL C 242 8.95 -28.12 -2.51
C VAL C 242 9.89 -26.94 -2.60
N TYR C 243 10.45 -26.53 -1.47
CA TYR C 243 11.49 -25.51 -1.45
C TYR C 243 12.82 -25.86 -2.10
N THR C 244 13.27 -27.09 -1.91
CA THR C 244 14.53 -27.49 -2.44
C THR C 244 14.43 -27.35 -3.97
N ILE C 245 13.26 -27.65 -4.52
CA ILE C 245 13.08 -27.57 -5.96
C ILE C 245 13.26 -26.14 -6.47
N MET C 246 12.65 -25.19 -5.80
CA MET C 246 12.76 -23.77 -6.19
C MET C 246 14.18 -23.19 -6.01
N TYR C 247 14.78 -23.54 -4.89
CA TYR C 247 16.10 -23.13 -4.48
C TYR C 247 17.14 -23.69 -5.46
N SER C 248 16.80 -24.82 -6.07
CA SER C 248 17.68 -25.46 -7.05
C SER C 248 17.89 -24.61 -8.27
N CYS C 249 16.91 -23.78 -8.57
CA CYS C 249 16.93 -22.87 -9.70
C CYS C 249 17.94 -21.75 -9.51
N TRP C 250 18.50 -21.68 -8.34
CA TRP C 250 19.22 -20.54 -7.87
C TRP C 250 20.72 -20.78 -7.63
N HIS C 251 21.31 -21.75 -8.32
CA HIS C 251 22.74 -22.01 -8.18
C HIS C 251 23.59 -20.87 -8.72
N GLU C 252 24.74 -20.62 -8.10
CA GLU C 252 25.53 -19.46 -8.48
C GLU C 252 25.88 -19.63 -9.96
N LYS C 253 26.57 -20.72 -10.29
CA LYS C 253 27.00 -21.03 -11.66
C LYS C 253 25.83 -21.63 -12.42
N ALA C 254 25.49 -21.04 -13.55
CA ALA C 254 24.29 -21.43 -14.27
C ALA C 254 24.31 -22.89 -14.69
N ASP C 255 25.49 -23.40 -15.05
CA ASP C 255 25.63 -24.79 -15.52
C ASP C 255 25.39 -25.89 -14.47
N GLU C 256 25.26 -25.47 -13.21
CA GLU C 256 24.88 -26.31 -12.10
C GLU C 256 23.40 -26.10 -11.58
N ARG C 257 22.55 -25.53 -12.44
CA ARG C 257 21.09 -25.56 -12.25
C ARG C 257 20.45 -26.68 -13.08
N PRO C 258 19.32 -27.21 -12.61
CA PRO C 258 18.59 -28.24 -13.34
C PRO C 258 17.98 -27.69 -14.63
N THR C 259 17.62 -28.57 -15.52
CA THR C 259 16.76 -28.24 -16.61
C THR C 259 15.30 -28.24 -16.19
N PHE C 260 14.40 -27.74 -17.01
CA PHE C 260 12.99 -27.86 -16.66
C PHE C 260 12.52 -29.32 -16.59
N LYS C 261 13.01 -30.09 -17.55
CA LYS C 261 12.78 -31.53 -17.57
C LYS C 261 13.05 -32.15 -16.20
N ILE C 262 14.21 -31.83 -15.63
CA ILE C 262 14.59 -32.27 -14.29
C ILE C 262 13.57 -31.81 -13.26
N LEU C 263 13.29 -30.51 -13.25
CA LEU C 263 12.29 -29.92 -12.35
C LEU C 263 10.90 -30.58 -12.45
N LEU C 264 10.56 -31.04 -13.64
CA LEU C 264 9.31 -31.73 -13.81
C LEU C 264 9.31 -33.06 -13.08
N SER C 265 10.44 -33.74 -13.07
CA SER C 265 10.51 -35.01 -12.37
C SER C 265 10.48 -34.80 -10.86
N ASN C 266 11.20 -33.80 -10.37
CA ASN C 266 11.20 -33.51 -8.96
C ASN C 266 9.78 -33.14 -8.52
N ILE C 267 9.13 -32.30 -9.32
CA ILE C 267 7.76 -31.93 -9.02
C ILE C 267 6.85 -33.16 -9.03
N LEU C 268 7.02 -34.01 -10.03
CA LEU C 268 6.16 -35.18 -10.11
C LEU C 268 6.30 -36.06 -8.86
N ASP C 269 7.53 -36.15 -8.39
CA ASP C 269 7.81 -37.06 -7.30
C ASP C 269 6.93 -36.58 -6.16
N VAL C 270 6.90 -35.27 -5.97
CA VAL C 270 6.22 -34.74 -4.80
C VAL C 270 4.74 -35.07 -4.81
N MET C 271 4.10 -34.95 -5.96
CA MET C 271 2.71 -35.29 -5.92
C MET C 271 2.51 -36.77 -5.67
N ASP C 272 3.12 -37.65 -6.45
CA ASP C 272 2.51 -38.97 -6.28
C ASP C 272 3.35 -40.18 -5.94
N GLU D 12 17.14 -18.83 47.69
CA GLU D 12 16.88 -17.81 48.73
C GLU D 12 18.09 -16.92 48.86
N ILE D 13 17.88 -15.65 49.04
CA ILE D 13 18.99 -14.74 49.12
C ILE D 13 18.68 -13.79 50.24
N ASP D 14 19.69 -13.22 50.89
CA ASP D 14 19.39 -12.19 51.85
C ASP D 14 19.04 -10.93 51.04
N PRO D 15 17.87 -10.42 51.24
CA PRO D 15 17.48 -9.21 50.52
C PRO D 15 18.29 -8.03 50.97
N LYS D 16 19.09 -8.19 52.01
CA LYS D 16 20.04 -7.20 52.46
C LYS D 16 21.28 -7.06 51.57
N ASP D 17 21.43 -8.00 50.65
CA ASP D 17 22.51 -8.02 49.69
C ASP D 17 22.08 -7.67 48.26
N LEU D 18 20.90 -7.09 48.11
CA LEU D 18 20.42 -6.69 46.80
C LEU D 18 20.26 -5.18 46.77
N THR D 19 20.83 -4.55 45.75
CA THR D 19 20.62 -3.13 45.54
C THR D 19 19.88 -2.88 44.23
N PHE D 20 18.78 -2.14 44.33
CA PHE D 20 17.90 -1.96 43.20
C PHE D 20 18.29 -0.73 42.41
N LEU D 21 18.62 -0.95 41.15
CA LEU D 21 19.26 0.06 40.31
C LEU D 21 18.32 0.66 39.26
N LYS D 22 18.44 0.11 38.04
CA LYS D 22 17.60 0.49 36.91
C LYS D 22 16.32 -0.35 36.74
N GLU D 23 15.47 0.06 35.81
CA GLU D 23 14.29 -0.73 35.48
C GLU D 23 14.48 -1.59 34.24
N LEU D 24 13.95 -2.79 34.26
CA LEU D 24 13.92 -3.64 33.08
C LEU D 24 12.52 -3.87 32.55
N GLY D 25 11.56 -3.09 33.03
CA GLY D 25 10.19 -3.23 32.58
C GLY D 25 9.29 -4.07 33.46
N THR D 26 8.28 -4.64 32.81
CA THR D 26 7.27 -5.43 33.48
C THR D 26 7.05 -6.78 32.79
N GLY D 27 6.65 -7.75 33.58
CA GLY D 27 6.47 -9.13 33.16
C GLY D 27 5.15 -9.70 33.66
N GLN D 28 4.89 -10.95 33.34
CA GLN D 28 3.63 -11.58 33.66
C GLN D 28 3.35 -11.63 35.18
N PHE D 29 4.40 -11.70 35.99
CA PHE D 29 4.30 -11.62 37.42
C PHE D 29 4.58 -10.19 37.85
N GLY D 30 4.56 -9.25 36.93
CA GLY D 30 4.79 -7.88 37.29
C GLY D 30 6.14 -7.29 36.96
N VAL D 31 6.61 -6.39 37.81
CA VAL D 31 7.83 -5.66 37.54
C VAL D 31 9.10 -6.47 37.69
N VAL D 32 10.06 -6.12 36.86
CA VAL D 32 11.41 -6.65 36.95
C VAL D 32 12.36 -5.49 37.11
N LYS D 33 13.40 -5.67 37.93
CA LYS D 33 14.40 -4.66 38.16
C LYS D 33 15.76 -5.22 37.83
N TYR D 34 16.75 -4.34 37.79
CA TYR D 34 18.13 -4.78 37.74
C TYR D 34 18.88 -4.21 38.90
N GLY D 35 19.80 -5.00 39.40
CA GLY D 35 20.55 -4.64 40.58
C GLY D 35 21.93 -5.29 40.74
N LYS D 36 22.52 -5.12 41.89
CA LYS D 36 23.71 -5.84 42.22
C LYS D 36 23.42 -6.74 43.42
N TRP D 37 23.77 -8.00 43.31
CA TRP D 37 23.66 -8.88 44.46
C TRP D 37 25.03 -8.91 45.06
N ARG D 38 25.10 -8.52 46.32
CA ARG D 38 26.34 -8.46 47.09
C ARG D 38 27.22 -7.35 46.53
N GLY D 39 26.66 -6.55 45.63
CA GLY D 39 27.35 -5.42 45.04
C GLY D 39 28.33 -5.67 43.91
N GLN D 40 28.45 -6.94 43.50
CA GLN D 40 29.35 -7.49 42.46
C GLN D 40 28.67 -8.24 41.32
N TYR D 41 27.68 -9.05 41.68
CA TYR D 41 26.94 -9.80 40.68
C TYR D 41 25.81 -8.92 40.22
N ASP D 42 25.78 -8.65 38.91
CA ASP D 42 24.69 -7.86 38.43
C ASP D 42 23.59 -8.82 38.06
N VAL D 43 22.40 -8.53 38.56
CA VAL D 43 21.27 -9.44 38.68
C VAL D 43 19.99 -8.76 38.24
N ALA D 44 19.00 -9.56 37.92
CA ALA D 44 17.67 -9.07 37.65
C ALA D 44 16.71 -9.61 38.68
N ILE D 45 15.93 -8.73 39.28
CA ILE D 45 15.01 -9.16 40.28
C ILE D 45 13.59 -9.08 39.80
N LYS D 46 12.89 -10.20 39.83
CA LYS D 46 11.47 -10.16 39.70
C LYS D 46 10.86 -9.86 41.06
N MET D 47 9.83 -9.03 41.05
CA MET D 47 9.00 -8.89 42.22
C MET D 47 7.62 -9.48 41.90
N ILE D 48 7.22 -10.47 42.69
CA ILE D 48 6.09 -11.32 42.36
C ILE D 48 4.84 -10.72 42.96
N LYS D 49 4.08 -10.03 42.12
CA LYS D 49 2.91 -9.25 42.52
C LYS D 49 1.76 -10.10 43.01
N GLU D 50 0.84 -9.47 43.72
CA GLU D 50 -0.26 -10.16 44.38
C GLU D 50 -1.15 -10.81 43.36
N GLY D 51 -1.35 -12.10 43.54
CA GLY D 51 -2.27 -12.87 42.73
C GLY D 51 -1.72 -13.35 41.42
N SER D 52 -0.53 -12.91 41.05
CA SER D 52 0.11 -13.36 39.80
C SER D 52 0.53 -14.84 39.79
N MET D 53 1.02 -15.33 40.92
CA MET D 53 1.63 -16.65 40.96
C MET D 53 1.07 -17.59 42.02
N SER D 54 1.18 -18.87 41.73
CA SER D 54 0.83 -19.89 42.69
C SER D 54 2.07 -20.03 43.58
N GLU D 55 2.04 -19.27 44.67
CA GLU D 55 3.15 -19.10 45.63
C GLU D 55 3.63 -20.27 46.53
N ASP D 56 2.73 -21.12 47.03
CA ASP D 56 3.17 -22.26 47.82
C ASP D 56 3.85 -23.20 46.89
N GLU D 57 3.18 -23.38 45.75
CA GLU D 57 3.49 -24.43 44.84
C GLU D 57 4.49 -23.89 43.88
N PHE D 58 5.17 -22.83 44.29
CA PHE D 58 6.42 -22.40 43.71
C PHE D 58 7.69 -22.85 44.41
N ILE D 59 7.90 -22.30 45.59
CA ILE D 59 9.14 -22.55 46.27
C ILE D 59 9.29 -24.02 46.53
N GLU D 60 8.16 -24.72 46.65
CA GLU D 60 8.12 -26.15 46.98
C GLU D 60 8.84 -26.94 45.92
N GLU D 61 8.60 -26.66 44.63
CA GLU D 61 9.47 -27.24 43.56
C GLU D 61 10.78 -26.51 43.33
N ALA D 62 10.94 -25.31 43.83
CA ALA D 62 11.95 -24.41 43.28
C ALA D 62 13.30 -25.05 43.22
N LYS D 63 13.60 -25.93 44.16
CA LYS D 63 14.95 -26.54 44.18
C LYS D 63 15.23 -27.35 42.92
N VAL D 64 14.16 -27.82 42.29
CA VAL D 64 14.20 -28.56 41.03
C VAL D 64 14.35 -27.65 39.81
N MET D 65 14.15 -26.35 40.02
CA MET D 65 14.46 -25.29 39.04
C MET D 65 15.78 -24.57 39.30
N MET D 66 16.12 -24.56 40.57
CA MET D 66 17.33 -24.00 41.03
C MET D 66 18.64 -24.76 40.75
N ASN D 67 18.54 -26.07 40.91
CA ASN D 67 19.62 -27.02 40.77
C ASN D 67 19.96 -27.21 39.30
N LEU D 68 19.08 -26.72 38.45
CA LEU D 68 19.33 -26.76 37.02
C LEU D 68 20.41 -25.76 36.70
N SER D 69 21.53 -26.25 36.14
CA SER D 69 22.61 -25.40 35.63
C SER D 69 23.18 -25.75 34.23
N HIS D 70 23.21 -24.80 33.32
CA HIS D 70 23.78 -25.05 32.00
C HIS D 70 24.28 -23.74 31.43
N GLU D 71 25.24 -23.85 30.55
CA GLU D 71 25.89 -22.72 29.95
C GLU D 71 24.85 -21.77 29.30
N LYS D 72 23.81 -22.35 28.69
CA LYS D 72 22.83 -21.64 27.90
C LYS D 72 21.45 -21.38 28.50
N LEU D 73 21.26 -21.67 29.77
CA LEU D 73 20.06 -21.25 30.46
C LEU D 73 20.45 -20.01 31.21
N VAL D 74 19.58 -19.05 31.36
CA VAL D 74 19.85 -17.97 32.28
C VAL D 74 19.73 -18.57 33.69
N GLN D 75 20.76 -18.33 34.49
CA GLN D 75 21.00 -18.96 35.79
C GLN D 75 20.08 -18.36 36.82
N LEU D 76 19.47 -19.22 37.61
CA LEU D 76 18.76 -18.80 38.77
C LEU D 76 19.77 -18.65 39.91
N TYR D 77 19.72 -17.56 40.67
CA TYR D 77 20.60 -17.44 41.83
C TYR D 77 19.88 -17.78 43.15
N GLY D 78 18.55 -17.57 43.16
CA GLY D 78 17.78 -17.71 44.36
C GLY D 78 16.43 -17.01 44.38
N VAL D 79 15.88 -16.91 45.58
CA VAL D 79 14.64 -16.17 45.82
C VAL D 79 14.69 -15.33 47.09
N CYS D 80 13.63 -14.59 47.38
CA CYS D 80 13.46 -14.03 48.67
C CYS D 80 12.03 -14.29 49.01
N THR D 81 11.76 -15.18 49.96
CA THR D 81 10.39 -15.61 50.25
C THR D 81 9.88 -15.23 51.65
N LYS D 82 10.75 -14.67 52.46
CA LYS D 82 10.32 -14.25 53.77
C LYS D 82 9.46 -12.95 53.69
N GLN D 83 9.36 -12.37 52.52
CA GLN D 83 8.82 -11.04 52.36
C GLN D 83 7.75 -11.10 51.33
N ARG D 84 6.82 -10.17 51.36
CA ARG D 84 5.80 -10.10 50.34
C ARG D 84 5.98 -8.73 49.72
N PRO D 85 6.12 -8.63 48.38
CA PRO D 85 6.26 -9.73 47.41
C PRO D 85 7.63 -10.45 47.35
N ILE D 86 7.63 -11.72 47.00
CA ILE D 86 8.81 -12.50 46.88
C ILE D 86 9.74 -12.00 45.75
N PHE D 87 11.05 -12.19 45.87
CA PHE D 87 11.95 -11.83 44.81
C PHE D 87 12.39 -13.12 44.10
N ILE D 88 12.60 -13.07 42.81
CA ILE D 88 13.34 -14.11 42.15
C ILE D 88 14.60 -13.54 41.43
N ILE D 89 15.76 -14.04 41.80
CA ILE D 89 17.03 -13.45 41.43
C ILE D 89 17.69 -14.28 40.37
N THR D 90 17.93 -13.65 39.24
CA THR D 90 18.46 -14.31 38.07
C THR D 90 19.62 -13.57 37.45
N GLU D 91 20.33 -14.26 36.58
CA GLU D 91 21.45 -13.73 35.82
C GLU D 91 20.94 -12.59 34.96
N TYR D 92 21.72 -11.51 34.91
CA TYR D 92 21.39 -10.35 34.08
C TYR D 92 21.85 -10.62 32.65
N MET D 93 21.12 -10.13 31.68
CA MET D 93 21.57 -10.21 30.28
C MET D 93 21.52 -8.84 29.61
N ALA D 94 22.68 -8.33 29.22
CA ALA D 94 22.81 -6.96 28.69
C ALA D 94 22.10 -6.69 27.36
N ASN D 95 22.22 -7.63 26.44
CA ASN D 95 21.84 -7.42 25.05
C ASN D 95 20.34 -7.61 24.85
N GLY D 96 19.68 -7.86 25.98
CA GLY D 96 18.23 -7.85 26.07
C GLY D 96 17.46 -8.89 25.27
N CYS D 97 16.29 -8.48 24.79
CA CYS D 97 15.34 -9.38 24.16
C CYS D 97 15.89 -10.01 22.89
N LEU D 98 15.60 -11.28 22.72
CA LEU D 98 15.98 -11.93 21.49
C LEU D 98 15.18 -11.23 20.38
N LEU D 99 13.91 -11.01 20.63
CA LEU D 99 12.98 -10.43 19.66
C LEU D 99 13.28 -9.00 19.21
N ASN D 100 13.69 -8.16 20.16
CA ASN D 100 14.32 -6.89 19.90
C ASN D 100 15.77 -6.91 19.38
N TYR D 101 16.57 -7.85 19.90
CA TYR D 101 17.93 -8.04 19.44
C TYR D 101 17.90 -8.45 17.98
N LEU D 102 16.97 -9.34 17.65
CA LEU D 102 16.95 -9.95 16.34
C LEU D 102 16.74 -8.93 15.27
N ARG D 103 15.73 -8.10 15.47
CA ARG D 103 15.18 -7.27 14.43
C ARG D 103 16.23 -6.34 13.88
N GLU D 104 17.14 -5.91 14.74
CA GLU D 104 17.96 -4.72 14.52
C GLU D 104 18.75 -4.75 13.21
N MET D 105 18.74 -3.61 12.54
CA MET D 105 19.54 -3.34 11.35
C MET D 105 21.03 -3.35 11.72
N ARG D 106 21.33 -2.82 12.90
CA ARG D 106 22.71 -2.65 13.29
C ARG D 106 23.46 -4.00 13.27
N HIS D 107 22.79 -5.09 13.63
CA HIS D 107 23.34 -6.45 13.38
C HIS D 107 23.46 -6.96 11.93
N ARG D 108 22.47 -6.68 11.09
CA ARG D 108 22.48 -7.16 9.75
C ARG D 108 22.77 -8.64 9.69
N PHE D 109 22.02 -9.42 10.47
CA PHE D 109 22.39 -10.81 10.80
C PHE D 109 22.78 -11.68 9.59
N GLN D 110 23.92 -12.32 9.79
CA GLN D 110 24.44 -13.33 8.91
C GLN D 110 23.74 -14.58 9.20
N THR D 111 23.51 -15.40 8.19
CA THR D 111 22.86 -16.69 8.38
C THR D 111 23.66 -17.65 9.30
N GLN D 112 24.97 -17.62 9.23
CA GLN D 112 25.78 -18.44 10.12
C GLN D 112 25.47 -18.05 11.57
N GLN D 113 25.19 -16.79 11.78
CA GLN D 113 24.78 -16.23 13.07
C GLN D 113 23.42 -16.67 13.63
N LEU D 114 22.45 -16.81 12.75
CA LEU D 114 21.18 -17.38 13.12
C LEU D 114 21.21 -18.86 13.58
N LEU D 115 21.87 -19.71 12.82
CA LEU D 115 21.95 -21.13 13.13
C LEU D 115 22.67 -21.36 14.45
N GLU D 116 23.71 -20.59 14.72
CA GLU D 116 24.44 -20.67 15.98
C GLU D 116 23.53 -20.27 17.14
N MET D 117 22.79 -19.19 16.93
CA MET D 117 21.78 -18.76 17.87
C MET D 117 20.74 -19.89 18.06
N CYS D 118 20.39 -20.58 16.97
CA CYS D 118 19.57 -21.78 17.04
C CYS D 118 20.28 -22.91 17.84
N LYS D 119 21.59 -22.98 17.70
CA LYS D 119 22.38 -23.94 18.46
C LYS D 119 22.44 -23.66 19.96
N ASP D 120 22.62 -22.40 20.34
CA ASP D 120 22.62 -21.99 21.72
C ASP D 120 21.27 -22.28 22.39
N VAL D 121 20.17 -22.03 21.68
CA VAL D 121 18.85 -22.38 22.17
C VAL D 121 18.59 -23.86 22.30
N CYS D 122 19.04 -24.64 21.34
CA CYS D 122 18.89 -26.10 21.33
C CYS D 122 19.78 -26.83 22.36
N GLU D 123 20.97 -26.31 22.53
CA GLU D 123 21.83 -26.81 23.56
C GLU D 123 21.07 -26.65 24.87
N ALA D 124 20.52 -25.47 25.09
CA ALA D 124 19.85 -25.27 26.36
C ALA D 124 18.68 -26.19 26.57
N MET D 125 17.89 -26.35 25.53
CA MET D 125 16.69 -27.16 25.60
C MET D 125 17.00 -28.65 25.84
N GLU D 126 18.10 -29.11 25.27
CA GLU D 126 18.53 -30.52 25.40
C GLU D 126 18.85 -30.86 26.86
N TYR D 127 19.48 -29.93 27.55
CA TYR D 127 19.82 -30.13 28.95
C TYR D 127 18.56 -30.29 29.82
N LEU D 128 17.57 -29.47 29.53
CA LEU D 128 16.31 -29.57 30.21
C LEU D 128 15.67 -30.91 29.86
N GLU D 129 15.83 -31.32 28.62
CA GLU D 129 15.27 -32.57 28.15
C GLU D 129 15.86 -33.71 28.96
N SER D 130 17.16 -33.64 29.18
CA SER D 130 17.88 -34.64 29.96
C SER D 130 17.39 -34.74 31.38
N LYS D 131 17.08 -33.58 31.93
CA LYS D 131 16.66 -33.47 33.30
C LYS D 131 15.14 -33.53 33.45
N GLN D 132 14.45 -33.92 32.40
CA GLN D 132 13.01 -34.11 32.43
C GLN D 132 12.25 -32.83 32.76
N PHE D 133 12.73 -31.71 32.25
CA PHE D 133 12.18 -30.41 32.59
C PHE D 133 11.52 -29.68 31.40
N LEU D 134 10.22 -29.45 31.49
CA LEU D 134 9.45 -28.74 30.47
C LEU D 134 9.75 -27.25 30.57
N HIS D 135 9.62 -26.52 29.49
CA HIS D 135 9.65 -25.08 29.53
C HIS D 135 8.22 -24.56 29.51
N ARG D 136 7.49 -25.07 28.52
CA ARG D 136 6.06 -24.88 28.33
C ARG D 136 5.65 -23.56 27.66
N ASP D 137 6.60 -22.64 27.50
CA ASP D 137 6.46 -21.34 26.80
C ASP D 137 7.68 -20.91 25.98
N LEU D 138 8.30 -21.81 25.23
CA LEU D 138 9.47 -21.42 24.44
C LEU D 138 9.17 -20.55 23.20
N ALA D 139 9.89 -19.46 23.07
CA ALA D 139 9.68 -18.49 22.03
C ALA D 139 10.80 -17.48 22.12
N ALA D 140 11.02 -16.69 21.09
CA ALA D 140 12.03 -15.68 21.11
C ALA D 140 11.81 -14.61 22.14
N ARG D 141 10.59 -14.45 22.63
CA ARG D 141 10.29 -13.51 23.72
C ARG D 141 10.89 -13.98 25.05
N ASN D 142 11.19 -15.27 25.07
CA ASN D 142 11.66 -15.97 26.25
C ASN D 142 13.15 -16.33 26.19
N CYS D 143 13.88 -15.61 25.36
CA CYS D 143 15.32 -15.72 25.23
C CYS D 143 15.94 -14.32 25.31
N LEU D 144 16.99 -14.23 26.11
CA LEU D 144 17.76 -13.03 26.31
C LEU D 144 19.21 -13.24 25.87
N VAL D 145 19.88 -12.15 25.55
CA VAL D 145 21.22 -12.16 24.96
C VAL D 145 22.26 -11.48 25.85
N ASN D 146 23.37 -12.15 26.13
CA ASN D 146 24.44 -11.62 26.96
C ASN D 146 25.38 -10.65 26.20
N ASP D 147 26.45 -10.21 26.86
CA ASP D 147 27.40 -9.27 26.28
C ASP D 147 28.14 -9.79 25.04
N GLN D 148 28.23 -11.08 24.97
CA GLN D 148 28.94 -11.79 23.92
C GLN D 148 27.98 -12.31 22.85
N GLY D 149 26.75 -11.84 22.87
CA GLY D 149 25.89 -12.15 21.76
C GLY D 149 25.51 -13.60 21.87
N VAL D 150 25.72 -14.13 23.04
CA VAL D 150 25.30 -15.45 23.39
C VAL D 150 23.84 -15.45 23.78
N VAL D 151 23.08 -16.39 23.23
CA VAL D 151 21.64 -16.53 23.47
C VAL D 151 21.37 -17.47 24.60
N LYS D 152 20.51 -17.07 25.53
CA LYS D 152 20.14 -17.92 26.65
C LYS D 152 18.66 -17.97 26.85
N VAL D 153 18.18 -19.13 27.27
CA VAL D 153 16.79 -19.30 27.47
C VAL D 153 16.39 -19.13 28.94
N SER D 154 15.39 -18.31 29.19
CA SER D 154 14.96 -18.02 30.54
C SER D 154 13.48 -18.30 30.89
N ASP D 155 13.15 -18.22 32.15
CA ASP D 155 11.78 -18.20 32.58
C ASP D 155 11.23 -19.65 32.45
N PHE D 156 12.11 -20.64 32.42
CA PHE D 156 11.65 -22.00 32.21
C PHE D 156 10.94 -22.53 33.43
N GLY D 157 9.78 -23.14 33.20
CA GLY D 157 8.98 -23.78 34.21
C GLY D 157 7.98 -22.85 34.88
N LEU D 158 8.19 -21.54 34.73
CA LEU D 158 7.40 -20.53 35.41
C LEU D 158 5.95 -20.47 34.94
N SER D 159 5.68 -21.01 33.75
CA SER D 159 4.32 -21.06 33.24
C SER D 159 3.46 -22.00 34.07
N ARG D 160 4.12 -22.87 34.82
CA ARG D 160 3.45 -23.81 35.67
C ARG D 160 2.67 -23.15 36.81
N TYR D 161 3.21 -22.05 37.32
CA TYR D 161 2.70 -21.42 38.52
C TYR D 161 1.90 -20.14 38.27
N VAL D 162 1.57 -19.91 37.00
CA VAL D 162 0.89 -18.68 36.63
C VAL D 162 -0.58 -18.66 37.01
N LEU D 163 -0.96 -17.60 37.71
CA LEU D 163 -2.34 -17.39 38.15
C LEU D 163 -3.04 -16.30 37.34
N ASP D 164 -2.96 -16.44 36.03
CA ASP D 164 -3.88 -15.80 35.12
C ASP D 164 -4.47 -16.91 34.26
N ASP D 165 -5.79 -16.95 34.17
CA ASP D 165 -6.52 -17.86 33.29
C ASP D 165 -6.34 -17.58 31.81
N GLU D 166 -6.24 -16.30 31.48
CA GLU D 166 -6.08 -15.94 30.10
C GLU D 166 -4.77 -16.55 29.59
N TYR D 167 -3.76 -16.54 30.45
CA TYR D 167 -2.51 -17.20 30.10
C TYR D 167 -2.58 -18.74 29.99
N THR D 168 -3.22 -19.37 30.97
CA THR D 168 -3.23 -20.84 31.07
C THR D 168 -4.37 -21.57 30.39
N SER D 169 -5.38 -20.79 30.03
CA SER D 169 -6.57 -21.25 29.33
C SER D 169 -6.26 -21.16 27.85
N SER D 170 -6.60 -22.21 27.12
CA SER D 170 -6.12 -22.42 25.77
CA SER D 170 -6.03 -22.38 25.76
C SER D 170 -6.51 -21.19 24.95
N VAL D 171 -7.67 -20.69 25.26
CA VAL D 171 -8.25 -19.58 24.54
C VAL D 171 -8.10 -18.20 25.17
N GLY D 172 -7.20 -18.08 26.13
CA GLY D 172 -7.03 -16.82 26.79
C GLY D 172 -6.34 -15.86 25.85
N SER D 173 -6.36 -14.59 26.23
CA SER D 173 -5.84 -13.48 25.46
C SER D 173 -4.37 -13.32 25.82
N LYS D 174 -3.85 -14.36 26.45
CA LYS D 174 -2.46 -14.48 26.71
C LYS D 174 -1.79 -15.77 26.23
N PHE D 175 -2.57 -16.82 26.09
CA PHE D 175 -2.10 -18.20 25.84
C PHE D 175 -1.22 -18.31 24.58
N PRO D 176 -0.03 -18.92 24.70
CA PRO D 176 0.96 -18.90 23.61
C PRO D 176 0.56 -19.71 22.36
N VAL D 177 -0.65 -19.44 21.86
CA VAL D 177 -1.28 -20.16 20.71
C VAL D 177 -0.41 -20.41 19.46
N ARG D 178 0.40 -19.43 19.06
CA ARG D 178 1.19 -19.53 17.83
C ARG D 178 2.44 -20.38 18.01
N TRP D 179 2.66 -20.83 19.24
CA TRP D 179 3.86 -21.59 19.60
C TRP D 179 3.50 -23.00 20.06
N SER D 180 2.24 -23.37 19.90
CA SER D 180 1.66 -24.57 20.49
C SER D 180 1.21 -25.61 19.45
N PRO D 181 1.36 -26.91 19.78
CA PRO D 181 1.05 -28.03 18.88
C PRO D 181 -0.45 -28.36 18.81
N PRO D 182 -0.85 -29.18 17.82
CA PRO D 182 -2.23 -29.65 17.76
C PRO D 182 -2.71 -30.31 19.04
N GLU D 183 -1.86 -31.09 19.71
CA GLU D 183 -2.31 -31.84 20.89
C GLU D 183 -2.46 -30.96 22.14
N VAL D 184 -1.83 -29.78 22.12
CA VAL D 184 -2.04 -28.79 23.18
C VAL D 184 -3.27 -27.94 22.85
N LEU D 185 -3.31 -27.41 21.65
CA LEU D 185 -4.43 -26.57 21.22
C LEU D 185 -5.79 -27.26 21.31
N MET D 186 -5.80 -28.59 21.28
CA MET D 186 -7.07 -29.30 21.24
C MET D 186 -7.32 -30.12 22.49
N TYR D 187 -6.27 -30.56 23.16
CA TYR D 187 -6.42 -31.39 24.37
C TYR D 187 -5.47 -30.99 25.51
N SER D 188 -4.75 -29.89 25.31
CA SER D 188 -3.81 -29.30 26.27
C SER D 188 -2.91 -30.33 26.94
N LYS D 189 -2.22 -31.09 26.10
CA LYS D 189 -1.27 -32.11 26.52
C LYS D 189 0.17 -31.64 26.27
N PHE D 190 0.90 -31.48 27.36
CA PHE D 190 2.26 -30.97 27.32
C PHE D 190 3.27 -32.08 27.53
N SER D 191 4.26 -32.15 26.63
CA SER D 191 5.44 -32.98 26.81
C SER D 191 6.62 -32.19 26.29
N SER D 192 7.78 -32.83 26.17
CA SER D 192 8.94 -32.18 25.58
C SER D 192 8.70 -32.00 24.10
N LYS D 193 7.75 -32.75 23.56
CA LYS D 193 7.44 -32.68 22.14
C LYS D 193 6.59 -31.46 21.81
N SER D 194 5.85 -30.96 22.79
CA SER D 194 5.21 -29.65 22.65
C SER D 194 6.24 -28.57 22.96
N ASP D 195 7.28 -28.93 23.70
CA ASP D 195 8.49 -28.12 23.82
C ASP D 195 9.29 -28.20 22.51
N ILE D 196 9.18 -29.32 21.79
CA ILE D 196 9.82 -29.48 20.50
C ILE D 196 9.13 -28.59 19.45
N TRP D 197 7.80 -28.67 19.40
CA TRP D 197 7.00 -27.83 18.51
C TRP D 197 7.38 -26.35 18.68
N ALA D 198 7.63 -25.97 19.93
CA ALA D 198 8.02 -24.62 20.29
C ALA D 198 9.38 -24.18 19.73
N PHE D 199 10.34 -25.08 19.69
CA PHE D 199 11.65 -24.76 19.13
C PHE D 199 11.59 -24.49 17.65
N GLY D 200 10.80 -25.29 16.93
CA GLY D 200 10.71 -25.10 15.50
C GLY D 200 10.17 -23.74 15.14
N VAL D 201 9.15 -23.30 15.86
CA VAL D 201 8.60 -21.98 15.63
C VAL D 201 9.61 -20.91 15.96
N LEU D 202 10.41 -21.17 16.99
CA LEU D 202 11.50 -20.27 17.40
C LEU D 202 12.57 -20.12 16.33
N MET D 203 12.88 -21.21 15.64
CA MET D 203 13.83 -21.17 14.54
C MET D 203 13.28 -20.25 13.46
N TRP D 204 11.98 -20.39 13.22
CA TRP D 204 11.30 -19.58 12.22
C TRP D 204 11.36 -18.12 12.62
N GLU D 205 11.17 -17.85 13.91
CA GLU D 205 11.23 -16.50 14.39
C GLU D 205 12.61 -15.90 14.11
N ILE D 206 13.64 -16.67 14.40
CA ILE D 206 15.00 -16.22 14.24
C ILE D 206 15.41 -16.00 12.78
N TYR D 207 15.01 -16.91 11.94
CA TYR D 207 15.35 -16.82 10.55
C TYR D 207 14.56 -15.77 9.86
N SER D 208 13.42 -15.44 10.43
CA SER D 208 12.57 -14.36 9.89
C SER D 208 12.81 -12.97 10.49
N LEU D 209 13.80 -12.84 11.38
CA LEU D 209 14.14 -11.57 12.07
C LEU D 209 13.01 -10.87 12.82
N GLY D 210 12.23 -11.60 13.59
CA GLY D 210 11.20 -10.97 14.36
C GLY D 210 9.78 -10.87 13.80
N LYS D 211 9.50 -11.59 12.73
CA LYS D 211 8.17 -11.63 12.22
C LYS D 211 7.28 -12.38 13.18
N MET D 212 6.03 -11.94 13.33
CA MET D 212 5.07 -12.72 14.07
C MET D 212 4.57 -13.90 13.24
N PRO D 213 4.62 -15.06 13.86
CA PRO D 213 4.16 -16.24 13.17
C PRO D 213 2.70 -16.12 12.86
N TYR D 214 2.30 -16.50 11.66
CA TYR D 214 0.91 -16.48 11.30
C TYR D 214 0.31 -15.10 11.51
N GLU D 215 0.98 -14.09 10.99
CA GLU D 215 0.70 -12.69 11.28
C GLU D 215 -0.71 -12.28 10.92
N ARG D 216 -1.21 -12.71 9.80
CA ARG D 216 -2.50 -12.22 9.38
C ARG D 216 -3.74 -13.02 9.78
N PHE D 217 -3.49 -14.00 10.64
CA PHE D 217 -4.49 -14.82 11.29
C PHE D 217 -4.46 -14.45 12.78
N THR D 218 -5.64 -14.30 13.39
CA THR D 218 -5.77 -14.06 14.83
C THR D 218 -5.59 -15.33 15.65
N ASN D 219 -5.38 -15.18 16.96
CA ASN D 219 -4.94 -16.29 17.79
C ASN D 219 -5.94 -17.44 17.71
N SER D 220 -7.23 -17.12 17.81
CA SER D 220 -8.28 -18.11 17.68
C SER D 220 -8.34 -18.74 16.28
N GLU D 221 -8.10 -17.93 15.25
CA GLU D 221 -8.01 -18.46 13.90
C GLU D 221 -6.81 -19.39 13.69
N THR D 222 -5.65 -19.01 14.20
CA THR D 222 -4.44 -19.79 14.02
C THR D 222 -4.66 -21.12 14.68
N ALA D 223 -5.26 -21.08 15.86
CA ALA D 223 -5.50 -22.28 16.65
C ALA D 223 -6.39 -23.24 15.91
N GLU D 224 -7.32 -22.73 15.11
CA GLU D 224 -7.98 -23.61 14.19
C GLU D 224 -7.09 -24.06 13.04
N HIS D 225 -6.41 -23.12 12.40
CA HIS D 225 -5.69 -23.41 11.17
C HIS D 225 -4.56 -24.43 11.33
N ILE D 226 -3.76 -24.32 12.39
CA ILE D 226 -2.67 -25.27 12.57
C ILE D 226 -3.27 -26.64 12.81
N ALA D 227 -4.49 -26.64 13.30
CA ALA D 227 -5.20 -27.88 13.60
C ALA D 227 -5.86 -28.42 12.35
N GLN D 228 -5.62 -27.77 11.22
CA GLN D 228 -6.12 -28.23 9.94
C GLN D 228 -5.01 -28.66 8.98
N GLY D 229 -3.81 -28.77 9.54
CA GLY D 229 -2.62 -29.22 8.88
C GLY D 229 -1.47 -28.29 8.52
N LEU D 230 -1.68 -27.01 8.38
CA LEU D 230 -0.60 -26.19 7.85
C LEU D 230 0.22 -25.39 8.86
N ARG D 231 1.20 -24.66 8.32
CA ARG D 231 2.36 -24.23 9.07
C ARG D 231 2.88 -22.85 8.71
N LEU D 232 4.20 -22.73 8.67
CA LEU D 232 4.90 -21.48 8.56
C LEU D 232 5.85 -21.47 7.37
N TYR D 233 6.16 -20.29 6.86
CA TYR D 233 7.17 -20.14 5.79
C TYR D 233 8.62 -20.10 6.27
N ARG D 234 9.42 -21.01 5.76
CA ARG D 234 10.83 -20.93 6.13
C ARG D 234 11.28 -19.57 5.65
N PRO D 235 12.00 -18.89 6.53
CA PRO D 235 12.31 -17.47 6.37
C PRO D 235 13.29 -17.26 5.21
N HIS D 236 13.55 -16.02 4.83
CA HIS D 236 14.31 -15.70 3.64
C HIS D 236 15.68 -16.35 3.72
N LEU D 237 16.28 -16.21 4.89
CA LEU D 237 17.66 -16.57 5.10
C LEU D 237 17.80 -18.05 5.43
N ALA D 238 16.66 -18.71 5.51
CA ALA D 238 16.60 -20.14 5.75
C ALA D 238 16.97 -20.94 4.49
N SER D 239 17.99 -21.77 4.64
CA SER D 239 18.44 -22.68 3.64
C SER D 239 17.42 -23.79 3.44
N GLU D 240 17.58 -24.55 2.37
CA GLU D 240 16.74 -25.66 2.10
C GLU D 240 16.80 -26.74 3.19
N LYS D 241 18.00 -27.03 3.67
CA LYS D 241 18.26 -27.93 4.78
C LYS D 241 17.92 -27.36 6.16
N VAL D 242 18.05 -26.05 6.26
CA VAL D 242 17.71 -25.33 7.45
C VAL D 242 16.23 -25.35 7.75
N TYR D 243 15.41 -25.25 6.72
CA TYR D 243 13.99 -25.35 6.89
C TYR D 243 13.59 -26.75 7.33
N THR D 244 14.32 -27.73 6.81
CA THR D 244 14.06 -29.13 7.04
C THR D 244 14.09 -29.43 8.53
N ILE D 245 15.05 -28.86 9.23
CA ILE D 245 15.09 -29.00 10.66
C ILE D 245 13.89 -28.37 11.34
N MET D 246 13.61 -27.13 11.00
CA MET D 246 12.55 -26.39 11.67
C MET D 246 11.17 -27.01 11.45
N TYR D 247 10.99 -27.55 10.24
CA TYR D 247 9.79 -28.26 9.82
C TYR D 247 9.60 -29.56 10.59
N SER D 248 10.71 -30.21 10.92
CA SER D 248 10.66 -31.52 11.51
C SER D 248 9.96 -31.46 12.86
N CYS D 249 10.07 -30.33 13.52
CA CYS D 249 9.40 -30.03 14.78
C CYS D 249 7.87 -29.98 14.67
N TRP D 250 7.37 -29.70 13.46
CA TRP D 250 5.95 -29.54 13.28
C TRP D 250 5.27 -30.77 12.69
N HIS D 251 5.65 -31.97 13.13
CA HIS D 251 4.90 -33.14 12.81
C HIS D 251 3.57 -33.12 13.59
N GLU D 252 2.49 -33.59 12.95
CA GLU D 252 1.20 -33.67 13.59
C GLU D 252 1.24 -34.64 14.78
N LYS D 253 1.66 -35.88 14.54
CA LYS D 253 1.78 -36.86 15.63
C LYS D 253 3.07 -36.56 16.36
N ALA D 254 2.98 -36.30 17.66
CA ALA D 254 4.13 -35.80 18.40
C ALA D 254 5.30 -36.79 18.37
N ASP D 255 4.99 -38.08 18.27
CA ASP D 255 6.02 -39.10 18.27
C ASP D 255 6.99 -38.94 17.12
N GLU D 256 6.47 -38.51 15.98
CA GLU D 256 7.27 -38.33 14.78
C GLU D 256 8.12 -37.07 14.76
N ARG D 257 7.89 -36.17 15.72
CA ARG D 257 8.79 -35.06 15.92
C ARG D 257 10.11 -35.61 16.53
N PRO D 258 11.21 -34.88 16.34
CA PRO D 258 12.50 -35.22 16.93
C PRO D 258 12.66 -34.80 18.39
N THR D 259 13.69 -35.33 19.05
CA THR D 259 14.19 -34.82 20.32
C THR D 259 15.11 -33.60 20.15
N PHE D 260 15.31 -32.84 21.19
CA PHE D 260 16.31 -31.75 21.13
C PHE D 260 17.73 -32.30 20.89
N LYS D 261 17.97 -33.51 21.36
CA LYS D 261 19.27 -34.14 21.17
C LYS D 261 19.57 -34.42 19.68
N ILE D 262 18.58 -34.96 19.01
CA ILE D 262 18.64 -35.14 17.58
C ILE D 262 18.71 -33.80 16.87
N LEU D 263 17.94 -32.84 17.34
CA LEU D 263 17.94 -31.56 16.67
C LEU D 263 19.29 -30.91 16.74
N LEU D 264 19.93 -31.01 17.89
CA LEU D 264 21.22 -30.42 18.09
C LEU D 264 22.33 -31.01 17.17
N SER D 265 22.25 -32.32 16.98
CA SER D 265 23.01 -33.04 16.00
C SER D 265 22.72 -32.59 14.59
N ASN D 266 21.43 -32.46 14.24
CA ASN D 266 21.03 -32.09 12.89
C ASN D 266 21.54 -30.72 12.58
N ILE D 267 21.44 -29.86 13.56
CA ILE D 267 21.91 -28.48 13.50
C ILE D 267 23.43 -28.46 13.34
N LEU D 268 24.11 -29.30 14.07
CA LEU D 268 25.54 -29.37 13.93
C LEU D 268 26.02 -29.88 12.58
N ASP D 269 25.34 -30.89 12.09
CA ASP D 269 25.63 -31.48 10.78
C ASP D 269 25.39 -30.50 9.65
N VAL D 270 24.45 -29.60 9.83
CA VAL D 270 24.41 -28.37 9.01
C VAL D 270 25.53 -27.39 9.32
N MET D 271 25.90 -27.37 10.59
CA MET D 271 26.99 -26.61 11.06
C MET D 271 28.32 -27.06 10.55
N ASP D 272 28.54 -28.33 10.34
CA ASP D 272 29.80 -28.71 9.80
C ASP D 272 29.88 -28.05 8.44
N GLU D 273 28.87 -28.28 7.63
CA GLU D 273 28.89 -27.82 6.27
C GLU D 273 28.70 -26.31 6.22
N GLU D 274 27.49 -25.80 6.44
CA GLU D 274 27.23 -24.36 6.63
C GLU D 274 27.88 -23.87 7.93
CBA N42 E . -25.98 8.92 -26.86
CBB N42 E . -26.52 7.49 -27.01
CBK N42 E . -27.70 7.41 -26.05
OAH N42 E . -28.85 7.41 -26.48
NBF N42 E . -27.31 7.43 -24.78
CBS N42 E . -28.15 7.49 -23.73
CAV N42 E . -27.92 8.47 -22.77
CBV N42 E . -29.21 6.61 -23.63
CBM N42 E . -29.43 5.59 -24.56
OAJ N42 E . -28.48 4.84 -24.80
NBZ N42 E . -30.63 5.37 -25.13
CBC N42 E . -30.75 4.24 -26.08
CAY N42 E . -32.12 3.68 -26.08
OBI N42 E . -33.05 4.72 -26.31
CAZ N42 E . -33.13 5.51 -25.14
CBD N42 E . -31.80 6.21 -24.86
CAU N42 E . -30.04 6.70 -22.51
CAO N42 E . -29.79 7.67 -21.56
CBO N42 E . -28.74 8.57 -21.65
NBH N42 E . -28.60 9.49 -20.67
CBU N42 E . -27.44 10.10 -20.30
CAW N42 E . -26.14 9.88 -20.78
CBX N42 E . -27.65 11.06 -19.31
OAK N42 E . -28.78 11.26 -18.89
NCA N42 E . -26.63 11.77 -18.83
CAB N42 E . -26.89 12.77 -17.79
CAX N42 E . -25.32 11.57 -19.28
CBQ N42 E . -25.05 10.63 -20.25
CBW N42 E . -23.71 10.46 -20.71
CBN N42 E . -22.80 11.50 -20.96
CAA N42 E . -23.17 12.81 -20.75
CAR N42 E . -23.29 9.16 -20.94
CAM N42 E . -22.01 8.92 -21.42
CAN N42 E . -21.12 9.94 -21.66
CBR N42 E . -21.49 11.24 -21.42
NBG N42 E . -20.65 12.28 -21.67
CBL N42 E . -19.82 12.79 -20.72
OAI N42 E . -19.75 12.38 -19.57
CBP N42 E . -19.06 13.90 -21.07
CAP N42 E . -18.01 14.35 -20.28
CAS N42 E . -17.24 15.47 -20.61
CBT N42 E . -17.54 16.18 -21.76
CCB N42 E . -16.78 17.29 -22.12
CAD N42 E . -17.67 18.39 -22.68
CAE N42 E . -15.78 16.88 -23.19
CAC N42 E . -16.00 17.83 -20.93
CAT N42 E . -18.58 15.73 -22.55
CAQ N42 E . -19.35 14.62 -22.22
CBA N42 F . 17.55 5.29 16.71
CBB N42 F . 18.31 4.76 15.51
CBK N42 F . 18.86 5.90 14.67
OAH N42 F . 19.61 6.74 15.15
NBF N42 F . 18.48 5.85 13.39
CBS N42 F . 18.86 6.78 12.52
CAV N42 F . 17.86 7.49 11.84
CBV N42 F . 20.23 7.01 12.29
CBM N42 F . 21.28 6.31 12.90
OAJ N42 F . 21.42 5.13 12.59
NBZ N42 F . 22.17 6.90 13.72
CBC N42 F . 23.27 6.11 14.26
CAY N42 F . 24.58 6.82 14.08
OBI N42 F . 24.49 8.14 14.64
CAZ N42 F . 23.48 8.93 13.96
CBD N42 F . 22.12 8.32 14.13
CAU N42 F . 20.57 7.96 11.36
CAO N42 F . 19.57 8.65 10.69
CBO N42 F . 18.22 8.44 10.90
NBH N42 F . 17.38 9.22 10.19
CBU N42 F . 16.11 8.96 9.86
CAW N42 F . 15.36 7.81 10.14
CBX N42 F . 15.54 10.01 9.17
OAK N42 F . 16.20 11.01 8.95
NCA N42 F . 14.26 9.94 8.77
CAB N42 F . 13.69 11.06 8.05
CAX N42 F . 13.48 8.80 9.04
CBQ N42 F . 14.01 7.73 9.73
CBW N42 F . 13.23 6.59 9.98
CBN N42 F . 11.92 6.64 10.51
CAA N42 F . 11.33 7.86 10.79
CAR N42 F . 13.76 5.35 9.72
CAM N42 F . 13.03 4.19 9.97
CAN N42 F . 11.74 4.24 10.48
CBR N42 F . 11.18 5.47 10.74
NBG N42 F . 9.95 5.58 11.26
CBL N42 F . 8.88 5.57 10.47
OAI N42 F . 8.96 5.52 9.25
CBP N42 F . 7.62 5.75 11.08
CAP N42 F . 6.45 5.43 10.40
CAS N42 F . 5.20 5.62 10.98
CBT N42 F . 5.06 6.13 12.24
CCB N42 F . 3.77 6.33 12.81
CAD N42 F . 3.73 7.65 13.56
CAE N42 F . 3.42 5.21 13.79
CAC N42 F . 2.71 6.33 11.71
CAT N42 F . 6.21 6.46 12.94
CAQ N42 F . 7.48 6.28 12.37
CBA N42 G . -3.73 -8.72 -13.50
CBB N42 G . -4.78 -8.27 -14.56
CBK N42 G . -5.76 -9.34 -15.03
OAH N42 G . -6.03 -10.24 -14.26
NBF N42 G . -6.34 -9.14 -16.23
CBS N42 G . -7.21 -9.98 -16.84
CAV N42 G . -6.84 -10.63 -18.00
CBV N42 G . -8.50 -10.18 -16.33
CBM N42 G . -8.94 -9.55 -15.17
OAJ N42 G . -8.70 -8.37 -15.04
NBZ N42 G . -9.65 -10.21 -14.23
CBC N42 G . -10.20 -9.53 -13.09
CAY N42 G . -11.55 -10.16 -12.80
OBI N42 G . -11.31 -11.48 -12.30
CAZ N42 G . -10.24 -12.15 -12.94
CBD N42 G . -10.10 -11.59 -14.30
CAU N42 G . -9.37 -11.05 -17.02
CAO N42 G . -8.95 -11.68 -18.19
CBO N42 G . -7.69 -11.49 -18.69
NBH N42 G . -7.33 -12.13 -19.83
CBU N42 G . -6.26 -11.83 -20.59
CAW N42 G . -5.55 -10.66 -20.54
CBX N42 G . -5.87 -12.80 -21.52
OAK N42 G . -6.44 -13.84 -21.62
NCA N42 G . -4.85 -12.60 -22.32
CAB N42 G . -4.47 -13.68 -23.25
CAX N42 G . -4.14 -11.43 -22.27
CBQ N42 G . -4.46 -10.42 -21.37
CBW N42 G . -3.72 -9.22 -21.28
CBN N42 G . -2.33 -9.18 -21.40
CAA N42 G . -1.66 -10.34 -21.58
CAR N42 G . -4.40 -8.02 -21.05
CAM N42 G . -3.70 -6.83 -20.92
CAN N42 G . -2.33 -6.81 -21.06
CBR N42 G . -1.62 -7.97 -21.32
NBG N42 G . -0.27 -8.03 -21.40
CBL N42 G . 0.42 -7.73 -22.49
OAI N42 G . -0.07 -7.33 -23.50
CBP N42 G . 1.78 -7.94 -22.46
CAP N42 G . 2.55 -7.83 -23.59
CAS N42 G . 3.91 -8.04 -23.55
CBT N42 G . 4.57 -8.38 -22.39
CCB N42 G . 5.94 -8.59 -22.38
CAD N42 G . 6.29 -9.79 -21.49
CAE N42 G . 6.70 -7.39 -21.82
CAC N42 G . 6.38 -8.95 -23.81
CAT N42 G . 3.80 -8.47 -21.26
CAQ N42 G . 2.44 -8.26 -21.29
CBA N42 H . 13.93 -5.90 24.50
CBB N42 H . 14.07 -4.81 25.59
CBK N42 H . 15.36 -5.08 26.41
OAH N42 H . 16.44 -5.01 25.87
NBF N42 H . 15.16 -5.37 27.71
CBS N42 H . 16.22 -5.62 28.50
CAV N42 H . 16.36 -6.85 29.12
CBV N42 H . 17.18 -4.63 28.68
CBM N42 H . 17.10 -3.35 28.15
OAJ N42 H . 16.28 -2.59 28.64
NBZ N42 H . 17.97 -2.93 27.22
CBC N42 H . 17.90 -1.55 26.72
CAY N42 H . 19.28 -0.96 26.60
OBI N42 H . 20.02 -1.80 25.76
CAZ N42 H . 20.28 -3.01 26.46
CBD N42 H . 19.00 -3.81 26.66
CAU N42 H . 18.25 -4.88 29.53
CAO N42 H . 18.39 -6.11 30.15
CBO N42 H . 17.44 -7.11 29.95
NBH N42 H . 17.62 -8.27 30.54
CBU N42 H . 16.68 -8.88 31.28
CAW N42 H . 15.30 -8.71 31.18
CBX N42 H . 17.23 -9.80 32.17
OAK N42 H . 18.46 -9.94 32.23
NCA N42 H . 16.43 -10.51 32.97
CAB N42 H . 17.00 -11.47 33.93
CAX N42 H . 15.04 -10.34 32.89
CBQ N42 H . 14.44 -9.46 32.00
CBW N42 H . 13.05 -9.32 31.98
CBN N42 H . 12.18 -10.40 31.84
CAA N42 H . 12.72 -11.68 31.71
CAR N42 H . 12.48 -8.05 32.09
CAM N42 H . 11.11 -7.88 32.08
CAN N42 H . 10.26 -8.95 31.94
CBR N42 H . 10.79 -10.23 31.83
NBG N42 H . 10.01 -11.31 31.67
CBL N42 H . 9.43 -11.91 32.73
OAI N42 H . 9.60 -11.53 33.88
CBP N42 H . 8.65 -13.06 32.46
CAP N42 H . 8.02 -13.76 33.50
CAS N42 H . 7.26 -14.91 33.26
CBT N42 H . 7.14 -15.40 31.97
CCB N42 H . 6.38 -16.56 31.69
CAD N42 H . 6.46 -16.91 30.20
CAE N42 H . 4.92 -16.32 32.03
CAC N42 H . 6.92 -17.74 32.49
CAT N42 H . 7.78 -14.72 30.95
CAQ N42 H . 8.53 -13.58 31.20
#